data_3X0C
#
_entry.id   3X0C
#
_cell.length_a   109.102
_cell.length_b   183.392
_cell.length_c   106.536
_cell.angle_alpha   90.00
_cell.angle_beta   90.00
_cell.angle_gamma   90.00
#
_symmetry.space_group_name_H-M   'C 2 2 21'
#
loop_
_entity.id
_entity.type
_entity.pdbx_description
1 polymer 'Phosphatidylinositol 5-phosphate 4-kinase type-2 beta'
2 non-polymer "GUANOSINE-5'-MONOPHOSPHATE"
3 water water
#
_entity_poly.entity_id   1
_entity_poly.type   'polypeptide(L)'
_entity_poly.pdbx_seq_one_letter_code
;GPNCAPGQKVKLFRASEPILSVLMWGVNHTINELSNVPVPVMLMPDDFKAYSKIKVDNHLFNKENLPSRFKFKEYCPMVF
RNLRERFGIDDQDYQNSVTRSAPINSDSQGRCGTRFLTTYDRRFVIKTVSSEDVAEMHNILKKYHQFIVECHGNTLLPQF
LGMYRLTVDGVETYMVVTRNVFSHRLTVHRKYDLKGSTVAREASDKEKAKDLPTFKDNDFLNEGQKLHVGEESKKNFLEK
LKRDVEFLAQLKIMDYSLLVGIHDVDRAEQEEMEVEERAEDEECENDGVGGNLLCSYGTPPDSPGNLLSFPRFFGPGEFD
PSVDVYAMKSHESSPKKEVYFMAIADILTPYDTKKKAAHAAKTVKHGAGAEISTVNPEQYSKRFNEFMSNILT
;
_entity_poly.pdbx_strand_id   A,B
#
loop_
_chem_comp.id
_chem_comp.type
_chem_comp.name
_chem_comp.formula
5GP non-polymer GUANOSINE-5'-MONOPHOSPHATE 'C10 H14 N5 O8 P'
#
# COMPACT_ATOMS: atom_id res chain seq x y z
N LYS A 9 5.75 13.52 2.40
CA LYS A 9 5.16 12.48 1.58
C LYS A 9 4.25 11.57 2.40
N VAL A 10 4.17 11.85 3.70
CA VAL A 10 3.29 11.13 4.61
C VAL A 10 1.81 11.42 4.32
N LYS A 11 1.01 10.37 4.15
CA LYS A 11 -0.44 10.51 4.03
C LYS A 11 -1.13 10.03 5.30
N LEU A 12 -1.91 10.91 5.91
CA LEU A 12 -2.50 10.59 7.21
C LEU A 12 -3.90 9.99 7.09
N PHE A 13 -4.54 10.16 5.95
CA PHE A 13 -5.93 9.73 5.75
C PHE A 13 -6.83 10.42 6.75
N ARG A 14 -6.52 11.68 7.04
CA ARG A 14 -7.29 12.44 8.01
C ARG A 14 -8.62 12.86 7.35
N ALA A 15 -9.72 12.68 8.07
CA ALA A 15 -11.05 13.04 7.55
C ALA A 15 -12.08 13.29 8.65
N SER A 16 -13.15 13.99 8.30
CA SER A 16 -14.23 14.29 9.25
C SER A 16 -14.93 13.02 9.77
N GLU A 17 -14.93 11.96 8.96
CA GLU A 17 -15.60 10.72 9.31
C GLU A 17 -14.66 9.56 9.08
N PRO A 18 -14.71 8.54 9.96
CA PRO A 18 -13.92 7.33 9.72
C PRO A 18 -14.14 6.70 8.34
N ILE A 19 -15.39 6.70 7.86
CA ILE A 19 -15.68 6.26 6.50
C ILE A 19 -14.75 6.92 5.46
N LEU A 20 -14.57 8.24 5.55
CA LEU A 20 -13.69 8.91 4.60
C LEU A 20 -12.22 8.46 4.69
N SER A 21 -11.74 8.25 5.90
CA SER A 21 -10.36 7.79 6.08
C SER A 21 -10.20 6.41 5.44
N VAL A 22 -11.21 5.56 5.61
CA VAL A 22 -11.13 4.20 5.11
C VAL A 22 -11.22 4.25 3.60
N LEU A 23 -12.12 5.09 3.08
CA LEU A 23 -12.15 5.31 1.64
C LEU A 23 -10.78 5.72 1.10
N MET A 24 -10.13 6.68 1.76
CA MET A 24 -8.84 7.19 1.28
C MET A 24 -7.78 6.11 1.37
N TRP A 25 -7.81 5.38 2.48
CA TRP A 25 -6.86 4.30 2.69
C TRP A 25 -6.99 3.17 1.65
N GLY A 26 -8.23 2.84 1.29
CA GLY A 26 -8.48 1.70 0.39
C GLY A 26 -8.13 2.02 -1.07
N VAL A 27 -8.58 3.19 -1.55
CA VAL A 27 -8.14 3.63 -2.87
C VAL A 27 -6.62 3.67 -2.93
N ASN A 28 -5.99 4.16 -1.86
CA ASN A 28 -4.56 4.20 -1.83
C ASN A 28 -3.94 2.81 -1.84
N HIS A 29 -4.45 2.00 -0.94
CA HIS A 29 -4.07 0.58 -0.91
C HIS A 29 -4.24 -0.17 -2.24
N THR A 30 -5.43 -0.11 -2.81
CA THR A 30 -5.68 -0.88 -4.03
C THR A 30 -4.92 -0.35 -5.25
N ILE A 31 -4.79 0.97 -5.37
CA ILE A 31 -4.06 1.52 -6.51
C ILE A 31 -2.59 1.08 -6.47
N ASN A 32 -1.98 1.12 -5.28
CA ASN A 32 -0.60 0.62 -5.11
C ASN A 32 -0.40 -0.86 -5.41
N GLU A 33 -1.34 -1.70 -4.95
CA GLU A 33 -1.26 -3.13 -5.26
C GLU A 33 -1.42 -3.32 -6.77
N LEU A 34 -2.36 -2.59 -7.38
CA LEU A 34 -2.54 -2.68 -8.83
C LEU A 34 -1.24 -2.30 -9.57
N SER A 35 -0.42 -1.45 -8.95
CA SER A 35 0.81 -1.03 -9.62
C SER A 35 1.77 -2.22 -9.74
N ASN A 36 1.51 -3.25 -8.95
CA ASN A 36 2.28 -4.48 -9.04
C ASN A 36 1.60 -5.56 -9.87
N VAL A 37 0.61 -5.16 -10.65
CA VAL A 37 -0.11 -6.10 -11.50
C VAL A 37 0.00 -5.73 -12.97
N PRO A 38 0.73 -6.56 -13.73
CA PRO A 38 0.91 -6.28 -15.16
C PRO A 38 -0.40 -5.86 -15.82
N VAL A 39 -0.30 -4.97 -16.79
CA VAL A 39 -1.47 -4.59 -17.56
C VAL A 39 -1.65 -5.62 -18.66
N PRO A 40 -2.81 -6.28 -18.68
CA PRO A 40 -3.10 -7.41 -19.56
C PRO A 40 -3.39 -6.97 -20.99
N VAL A 41 -3.15 -7.87 -21.92
CA VAL A 41 -3.48 -7.66 -23.32
C VAL A 41 -4.97 -7.36 -23.40
N MET A 42 -5.77 -8.22 -22.77
CA MET A 42 -7.22 -8.05 -22.77
C MET A 42 -7.82 -8.40 -21.42
N LEU A 43 -9.09 -8.10 -21.26
CA LEU A 43 -9.84 -8.48 -20.07
C LEU A 43 -10.50 -9.85 -20.26
N MET A 44 -10.24 -10.75 -19.31
CA MET A 44 -10.84 -12.06 -19.31
C MET A 44 -12.17 -12.00 -18.60
N PRO A 45 -13.08 -12.94 -18.92
CA PRO A 45 -14.43 -12.99 -18.35
C PRO A 45 -14.46 -13.00 -16.81
N ASP A 46 -13.55 -13.74 -16.17
CA ASP A 46 -13.46 -13.75 -14.71
C ASP A 46 -13.27 -12.33 -14.14
N ASP A 47 -12.48 -11.52 -14.85
CA ASP A 47 -12.24 -10.14 -14.41
C ASP A 47 -13.56 -9.45 -14.05
N PHE A 48 -14.65 -9.90 -14.68
CA PHE A 48 -15.97 -9.32 -14.42
C PHE A 48 -16.72 -9.86 -13.21
N LYS A 49 -16.17 -10.91 -12.61
CA LYS A 49 -16.73 -11.51 -11.40
C LYS A 49 -15.71 -11.40 -10.28
N ALA A 50 -14.54 -10.84 -10.61
CA ALA A 50 -13.45 -10.72 -9.66
C ALA A 50 -13.72 -9.65 -8.60
N TYR A 51 -12.94 -9.72 -7.52
CA TYR A 51 -12.91 -8.68 -6.50
C TYR A 51 -11.72 -8.89 -5.57
N SER A 52 -11.30 -7.83 -4.90
CA SER A 52 -10.27 -7.95 -3.87
C SER A 52 -10.88 -7.57 -2.55
N LYS A 53 -10.34 -8.15 -1.49
CA LYS A 53 -10.88 -7.92 -0.17
C LYS A 53 -9.78 -8.00 0.83
N ILE A 54 -9.74 -7.00 1.69
CA ILE A 54 -8.71 -6.92 2.70
C ILE A 54 -9.46 -6.63 3.99
N LYS A 55 -9.02 -7.26 5.07
CA LYS A 55 -9.58 -6.99 6.38
C LYS A 55 -8.44 -6.55 7.31
N VAL A 56 -8.60 -5.42 7.96
CA VAL A 56 -7.61 -4.94 8.91
C VAL A 56 -8.08 -4.98 10.35
N ASP A 57 -7.27 -5.61 11.19
CA ASP A 57 -7.47 -5.59 12.63
C ASP A 57 -6.16 -5.16 13.28
N ASN A 58 -5.97 -3.86 13.47
CA ASN A 58 -4.80 -3.36 14.16
C ASN A 58 -5.09 -3.31 15.68
N HIS A 59 -4.07 -3.46 16.50
CA HIS A 59 -4.21 -3.40 17.96
C HIS A 59 -3.18 -2.42 18.53
N LEU A 60 -3.64 -1.38 19.21
CA LEU A 60 -2.73 -0.36 19.80
C LEU A 60 -1.77 0.24 18.77
N PHE A 61 -2.26 0.43 17.55
CA PHE A 61 -1.36 0.83 16.47
C PHE A 61 -2.05 1.65 15.42
N ASN A 62 -1.47 2.79 15.08
CA ASN A 62 -1.90 3.52 13.90
C ASN A 62 -3.39 3.82 13.93
N LYS A 63 -3.83 4.44 15.02
CA LYS A 63 -5.24 4.65 15.35
C LYS A 63 -5.67 6.12 15.36
N GLU A 64 -4.76 7.01 14.97
CA GLU A 64 -5.09 8.44 14.98
C GLU A 64 -6.20 8.75 13.99
N ASN A 65 -6.04 8.34 12.74
CA ASN A 65 -7.07 8.64 11.74
C ASN A 65 -7.90 7.45 11.25
N LEU A 66 -7.24 6.31 11.00
CA LEU A 66 -7.95 5.08 10.71
C LEU A 66 -8.49 4.44 11.99
N PRO A 67 -9.69 3.85 11.90
CA PRO A 67 -10.16 2.93 12.94
C PRO A 67 -9.16 1.78 13.01
N SER A 68 -9.12 1.08 14.15
CA SER A 68 -8.32 -0.13 14.32
C SER A 68 -8.80 -1.28 13.43
N ARG A 69 -10.11 -1.32 13.19
CA ARG A 69 -10.72 -2.45 12.49
C ARG A 69 -11.64 -1.96 11.37
N PHE A 70 -11.45 -2.52 10.18
CA PHE A 70 -12.30 -2.17 9.05
C PHE A 70 -12.05 -3.12 7.89
N LYS A 71 -12.97 -3.08 6.92
CA LYS A 71 -12.80 -3.84 5.69
C LYS A 71 -12.94 -2.97 4.43
N PHE A 72 -12.27 -3.39 3.37
CA PHE A 72 -12.36 -2.69 2.11
C PHE A 72 -12.41 -3.74 1.03
N LYS A 73 -13.41 -3.61 0.16
CA LYS A 73 -13.58 -4.50 -0.95
C LYS A 73 -13.64 -3.73 -2.26
N GLU A 74 -12.84 -4.16 -3.24
CA GLU A 74 -12.92 -3.56 -4.57
C GLU A 74 -13.47 -4.53 -5.60
N TYR A 75 -14.60 -4.17 -6.19
CA TYR A 75 -15.20 -5.01 -7.24
C TYR A 75 -14.45 -4.86 -8.54
N CYS A 76 -14.15 -6.01 -9.17
CA CYS A 76 -13.76 -6.05 -10.56
C CYS A 76 -12.63 -5.09 -10.87
N PRO A 77 -11.58 -5.11 -10.04
CA PRO A 77 -10.53 -4.09 -10.16
C PRO A 77 -9.82 -3.99 -11.52
N MET A 78 -9.58 -5.13 -12.15
CA MET A 78 -8.91 -5.17 -13.45
C MET A 78 -9.72 -4.43 -14.52
N VAL A 79 -11.04 -4.55 -14.43
CA VAL A 79 -11.94 -3.88 -15.35
C VAL A 79 -11.93 -2.37 -15.12
N PHE A 80 -12.07 -1.95 -13.87
CA PHE A 80 -12.08 -0.53 -13.59
C PHE A 80 -10.72 0.15 -13.88
N ARG A 81 -9.63 -0.59 -13.73
CA ARG A 81 -8.32 -0.04 -14.07
C ARG A 81 -8.33 0.30 -15.56
N ASN A 82 -8.84 -0.63 -16.34
CA ASN A 82 -8.96 -0.49 -17.77
C ASN A 82 -9.92 0.62 -18.19
N LEU A 83 -10.99 0.81 -17.41
CA LEU A 83 -11.95 1.85 -17.74
C LEU A 83 -11.28 3.21 -17.54
N ARG A 84 -10.52 3.35 -16.46
CA ARG A 84 -9.79 4.56 -16.15
C ARG A 84 -8.88 4.87 -17.32
N GLU A 85 -8.13 3.86 -17.75
CA GLU A 85 -7.23 4.05 -18.87
C GLU A 85 -7.99 4.57 -20.11
N ARG A 86 -9.08 3.89 -20.49
CA ARG A 86 -9.89 4.29 -21.66
C ARG A 86 -10.58 5.65 -21.53
N PHE A 87 -10.57 6.19 -20.32
CA PHE A 87 -11.19 7.46 -20.02
C PHE A 87 -10.05 8.44 -19.86
N GLY A 88 -8.83 7.95 -20.09
CA GLY A 88 -7.66 8.77 -20.02
C GLY A 88 -7.35 9.30 -18.63
N ILE A 89 -7.59 8.49 -17.63
CA ILE A 89 -7.24 8.87 -16.26
C ILE A 89 -6.06 8.03 -15.81
N ASP A 90 -5.01 8.68 -15.31
CA ASP A 90 -3.85 7.93 -14.83
C ASP A 90 -4.11 7.49 -13.39
N ASP A 91 -3.75 6.24 -13.08
CA ASP A 91 -4.05 5.68 -11.76
C ASP A 91 -3.41 6.52 -10.66
N GLN A 92 -2.18 6.98 -10.88
CA GLN A 92 -1.56 7.84 -9.84
C GLN A 92 -2.33 9.12 -9.64
N ASP A 93 -2.87 9.69 -10.71
CA ASP A 93 -3.67 10.91 -10.55
C ASP A 93 -4.90 10.68 -9.71
N TYR A 94 -5.52 9.53 -9.98
CA TYR A 94 -6.77 9.13 -9.40
C TYR A 94 -6.56 8.93 -7.91
N GLN A 95 -5.52 8.18 -7.62
CA GLN A 95 -5.11 7.96 -6.25
C GLN A 95 -4.82 9.29 -5.56
N ASN A 96 -4.04 10.17 -6.18
CA ASN A 96 -3.73 11.47 -5.54
C ASN A 96 -4.96 12.32 -5.29
N SER A 97 -5.84 12.39 -6.28
CA SER A 97 -7.08 13.12 -6.08
C SER A 97 -7.83 12.62 -4.84
N VAL A 98 -7.84 11.30 -4.63
CA VAL A 98 -8.63 10.74 -3.53
C VAL A 98 -7.89 10.87 -2.17
N THR A 99 -6.56 10.77 -2.18
CA THR A 99 -5.84 10.58 -0.92
C THR A 99 -5.03 11.78 -0.42
N ARG A 100 -4.71 12.72 -1.29
CA ARG A 100 -3.92 13.88 -0.89
C ARG A 100 -4.67 14.69 0.18
N SER A 101 -6.00 14.64 0.14
CA SER A 101 -6.82 15.32 1.12
C SER A 101 -8.25 14.77 1.06
N ALA A 102 -8.90 14.73 2.21
CA ALA A 102 -10.28 14.24 2.36
C ALA A 102 -11.29 14.81 1.34
N PRO A 103 -12.03 13.91 0.68
CA PRO A 103 -13.17 14.27 -0.15
C PRO A 103 -14.10 15.17 0.65
N ILE A 104 -14.73 16.14 0.00
CA ILE A 104 -15.69 16.98 0.71
C ILE A 104 -17.08 16.86 0.10
N ASN A 105 -18.10 17.23 0.88
CA ASN A 105 -19.48 17.20 0.39
C ASN A 105 -19.76 18.20 -0.72
N ARG A 115 -25.73 10.14 -0.06
CA ARG A 115 -24.40 10.60 0.31
C ARG A 115 -23.58 10.98 -0.93
N PHE A 116 -23.02 12.18 -0.93
CA PHE A 116 -22.43 12.72 -2.14
C PHE A 116 -21.15 13.51 -1.91
N LEU A 117 -20.03 12.92 -2.29
CA LEU A 117 -18.75 13.56 -2.10
C LEU A 117 -18.09 13.93 -3.43
N THR A 118 -17.18 14.89 -3.37
CA THR A 118 -16.29 15.21 -4.48
C THR A 118 -14.88 15.04 -3.92
N THR A 119 -13.92 14.77 -4.79
CA THR A 119 -12.55 14.75 -4.34
C THR A 119 -12.19 16.20 -4.04
N TYR A 120 -11.18 16.43 -3.21
CA TYR A 120 -10.90 17.79 -2.75
C TYR A 120 -10.63 18.72 -3.95
N ASP A 121 -10.16 18.14 -5.05
CA ASP A 121 -9.87 18.88 -6.29
C ASP A 121 -11.01 18.83 -7.31
N ARG A 122 -12.15 18.24 -6.93
CA ARG A 122 -13.36 18.29 -7.78
C ARG A 122 -13.29 17.50 -9.12
N ARG A 123 -12.27 16.70 -9.27
CA ARG A 123 -12.18 15.85 -10.45
C ARG A 123 -13.11 14.64 -10.39
N PHE A 124 -13.24 14.02 -9.23
CA PHE A 124 -14.00 12.80 -9.16
C PHE A 124 -15.14 12.91 -8.17
N VAL A 125 -16.25 12.29 -8.52
CA VAL A 125 -17.42 12.23 -7.66
C VAL A 125 -17.57 10.84 -7.07
N ILE A 126 -17.87 10.80 -5.78
CA ILE A 126 -18.05 9.56 -5.07
C ILE A 126 -19.46 9.47 -4.53
N LYS A 127 -20.21 8.47 -4.99
CA LYS A 127 -21.59 8.33 -4.59
C LYS A 127 -21.77 7.09 -3.73
N THR A 128 -22.45 7.28 -2.61
CA THR A 128 -22.89 6.17 -1.80
C THR A 128 -24.11 5.62 -2.50
N VAL A 129 -24.08 4.33 -2.81
CA VAL A 129 -25.20 3.66 -3.50
C VAL A 129 -25.74 2.51 -2.68
N SER A 130 -26.84 1.93 -3.15
CA SER A 130 -27.42 0.80 -2.45
C SER A 130 -26.77 -0.47 -2.97
N SER A 131 -27.12 -1.59 -2.36
CA SER A 131 -26.65 -2.90 -2.79
C SER A 131 -27.23 -3.23 -4.16
N GLU A 132 -28.45 -2.78 -4.41
CA GLU A 132 -29.09 -3.06 -5.68
C GLU A 132 -28.29 -2.39 -6.78
N ASP A 133 -27.90 -1.13 -6.53
CA ASP A 133 -27.09 -0.36 -7.48
C ASP A 133 -25.85 -1.16 -7.85
N VAL A 134 -25.20 -1.73 -6.83
CA VAL A 134 -23.97 -2.53 -7.00
C VAL A 134 -24.27 -3.76 -7.83
N ALA A 135 -25.48 -4.30 -7.66
CA ALA A 135 -25.92 -5.48 -8.41
C ALA A 135 -26.10 -5.15 -9.88
N GLU A 136 -26.76 -4.03 -10.14
CA GLU A 136 -26.92 -3.56 -11.51
C GLU A 136 -25.57 -3.27 -12.24
N MET A 137 -24.56 -2.73 -11.55
CA MET A 137 -23.26 -2.52 -12.20
C MET A 137 -22.70 -3.82 -12.75
N HIS A 138 -22.73 -4.89 -11.94
CA HIS A 138 -22.31 -6.20 -12.42
C HIS A 138 -23.12 -6.64 -13.65
N ASN A 139 -24.44 -6.49 -13.56
CA ASN A 139 -25.28 -6.92 -14.65
C ASN A 139 -24.85 -6.23 -15.92
N ILE A 140 -24.75 -4.91 -15.85
CA ILE A 140 -24.46 -4.12 -17.04
C ILE A 140 -22.98 -4.05 -17.41
N LEU A 141 -22.10 -4.47 -16.49
CA LEU A 141 -20.66 -4.17 -16.63
C LEU A 141 -19.94 -4.67 -17.90
N LYS A 142 -20.19 -5.91 -18.32
CA LYS A 142 -19.50 -6.44 -19.50
C LYS A 142 -19.81 -5.63 -20.75
N LYS A 143 -21.08 -5.25 -20.90
CA LYS A 143 -21.55 -4.54 -22.07
C LYS A 143 -21.14 -3.07 -22.04
N TYR A 144 -21.18 -2.49 -20.85
CA TYR A 144 -20.79 -1.11 -20.66
C TYR A 144 -19.33 -0.99 -21.06
N HIS A 145 -18.53 -1.96 -20.64
CA HIS A 145 -17.12 -1.94 -21.01
C HIS A 145 -16.97 -2.02 -22.53
N GLN A 146 -17.64 -2.99 -23.13
CA GLN A 146 -17.54 -3.18 -24.56
C GLN A 146 -18.01 -1.91 -25.29
N PHE A 147 -19.06 -1.30 -24.76
CA PHE A 147 -19.55 -0.05 -25.32
C PHE A 147 -18.55 1.10 -25.15
N ILE A 148 -17.85 1.17 -24.03
CA ILE A 148 -16.79 2.17 -23.85
C ILE A 148 -15.63 1.92 -24.81
N VAL A 149 -15.45 0.66 -25.19
CA VAL A 149 -14.37 0.28 -26.10
C VAL A 149 -14.66 0.78 -27.50
N GLU A 150 -15.90 0.60 -27.94
CA GLU A 150 -16.27 0.84 -29.32
C GLU A 150 -16.71 2.28 -29.56
N CYS A 151 -16.89 3.04 -28.49
CA CYS A 151 -17.13 4.46 -28.63
C CYS A 151 -15.91 5.24 -28.17
N HIS A 152 -14.80 4.54 -27.94
CA HIS A 152 -13.53 5.17 -27.64
C HIS A 152 -13.57 6.15 -26.49
N GLY A 153 -14.43 5.91 -25.49
CA GLY A 153 -14.48 6.76 -24.32
C GLY A 153 -15.30 8.04 -24.54
N ASN A 154 -15.76 8.24 -25.76
CA ASN A 154 -16.61 9.37 -26.11
C ASN A 154 -18.06 9.08 -25.82
N THR A 155 -18.56 9.59 -24.70
CA THR A 155 -19.90 9.22 -24.23
C THR A 155 -20.44 10.20 -23.19
N LEU A 156 -21.73 10.43 -23.21
CA LEU A 156 -22.38 11.25 -22.22
C LEU A 156 -22.77 10.40 -20.97
N LEU A 157 -22.63 9.07 -21.07
CA LEU A 157 -22.92 8.22 -19.93
C LEU A 157 -22.00 8.55 -18.77
N PRO A 158 -22.44 8.24 -17.55
CA PRO A 158 -21.49 8.30 -16.43
C PRO A 158 -20.25 7.51 -16.81
N GLN A 159 -19.09 7.95 -16.35
CA GLN A 159 -17.87 7.23 -16.63
C GLN A 159 -17.39 6.61 -15.33
N PHE A 160 -17.46 5.27 -15.22
CA PHE A 160 -17.20 4.61 -13.93
C PHE A 160 -15.74 4.27 -13.78
N LEU A 161 -15.17 4.60 -12.62
CA LEU A 161 -13.73 4.51 -12.38
C LEU A 161 -13.39 3.53 -11.26
N GLY A 162 -14.35 3.28 -10.38
CA GLY A 162 -14.18 2.33 -9.30
C GLY A 162 -15.48 2.01 -8.57
N MET A 163 -15.58 0.79 -8.06
CA MET A 163 -16.69 0.42 -7.19
C MET A 163 -16.17 -0.28 -5.91
N TYR A 164 -16.69 0.12 -4.76
CA TYR A 164 -16.12 -0.30 -3.48
C TYR A 164 -17.18 -0.54 -2.44
N ARG A 165 -16.90 -1.47 -1.53
CA ARG A 165 -17.71 -1.61 -0.31
C ARG A 165 -16.82 -1.42 0.90
N LEU A 166 -17.12 -0.40 1.69
CA LEU A 166 -16.38 -0.20 2.93
C LEU A 166 -17.13 -0.81 4.12
N THR A 167 -16.40 -1.31 5.12
CA THR A 167 -17.06 -1.75 6.35
C THR A 167 -16.43 -1.15 7.56
N VAL A 168 -17.25 -0.41 8.32
CA VAL A 168 -16.80 0.27 9.54
C VAL A 168 -17.85 0.16 10.62
N ASP A 169 -17.44 -0.34 11.79
CA ASP A 169 -18.35 -0.68 12.88
C ASP A 169 -19.41 -1.66 12.42
N GLY A 170 -18.98 -2.70 11.71
CA GLY A 170 -19.90 -3.72 11.21
C GLY A 170 -20.89 -3.22 10.17
N VAL A 171 -20.76 -1.95 9.76
CA VAL A 171 -21.67 -1.39 8.76
C VAL A 171 -21.06 -1.32 7.37
N GLU A 172 -21.77 -1.91 6.42
CA GLU A 172 -21.35 -1.91 5.02
C GLU A 172 -21.85 -0.67 4.25
N THR A 173 -20.91 0.02 3.58
CA THR A 173 -21.26 1.15 2.73
C THR A 173 -20.74 0.96 1.31
N TYR A 174 -21.64 1.09 0.33
CA TYR A 174 -21.30 0.89 -1.07
C TYR A 174 -21.03 2.23 -1.77
N MET A 175 -19.99 2.25 -2.62
CA MET A 175 -19.55 3.47 -3.27
C MET A 175 -19.12 3.25 -4.70
N VAL A 176 -19.51 4.18 -5.55
CA VAL A 176 -19.15 4.19 -6.97
C VAL A 176 -18.46 5.52 -7.27
N VAL A 177 -17.28 5.48 -7.90
CA VAL A 177 -16.56 6.69 -8.30
C VAL A 177 -16.75 7.01 -9.80
N THR A 178 -17.17 8.24 -10.07
CA THR A 178 -17.31 8.71 -11.45
C THR A 178 -16.42 9.92 -11.76
N ARG A 179 -16.26 10.22 -13.04
CA ARG A 179 -15.71 11.51 -13.36
C ARG A 179 -16.79 12.58 -13.15
N ASN A 180 -16.42 13.71 -12.55
CA ASN A 180 -17.38 14.82 -12.38
C ASN A 180 -17.96 15.25 -13.72
N VAL A 181 -19.27 15.44 -13.77
CA VAL A 181 -19.91 15.87 -15.00
C VAL A 181 -19.51 17.32 -15.22
N PHE A 182 -19.36 18.01 -14.11
CA PHE A 182 -19.02 19.41 -14.13
C PHE A 182 -17.52 19.60 -14.19
N SER A 183 -17.10 20.85 -14.45
CA SER A 183 -15.69 21.19 -14.51
C SER A 183 -15.11 21.12 -13.11
N HIS A 184 -13.82 20.80 -13.01
CA HIS A 184 -13.18 20.83 -11.71
C HIS A 184 -12.75 22.25 -11.33
N ARG A 185 -12.98 23.20 -12.25
CA ARG A 185 -12.51 24.58 -12.07
C ARG A 185 -13.54 25.66 -12.34
N LEU A 186 -14.34 25.51 -13.40
CA LEU A 186 -15.41 26.47 -13.70
C LEU A 186 -16.67 26.29 -12.83
N THR A 187 -17.11 27.38 -12.23
CA THR A 187 -18.29 27.40 -11.38
C THR A 187 -19.57 27.14 -12.15
N VAL A 188 -20.49 26.42 -11.52
CA VAL A 188 -21.84 26.29 -12.08
C VAL A 188 -22.76 27.32 -11.45
N HIS A 189 -23.59 27.98 -12.24
CA HIS A 189 -24.47 29.03 -11.75
C HIS A 189 -25.92 28.60 -11.85
N ARG A 190 -26.14 27.44 -12.46
CA ARG A 190 -27.49 26.94 -12.65
C ARG A 190 -27.44 25.52 -13.20
N LYS A 191 -28.15 24.60 -12.56
CA LYS A 191 -28.28 23.25 -13.10
C LYS A 191 -29.73 22.79 -13.28
N TYR A 192 -29.93 21.82 -14.16
CA TYR A 192 -31.23 21.20 -14.34
C TYR A 192 -31.08 19.69 -14.37
N ASP A 193 -32.11 19.01 -13.90
CA ASP A 193 -32.25 17.58 -14.12
C ASP A 193 -33.40 17.42 -15.12
N LEU A 194 -33.07 17.02 -16.34
CA LEU A 194 -34.07 16.85 -17.36
C LEU A 194 -34.30 15.37 -17.63
N LYS A 195 -35.54 15.02 -17.92
CA LYS A 195 -35.91 13.64 -18.26
C LYS A 195 -36.69 13.63 -19.57
N GLY A 196 -37.53 14.64 -19.76
CA GLY A 196 -38.38 14.70 -20.94
C GLY A 196 -39.74 14.09 -20.69
N SER A 197 -40.00 13.69 -19.45
CA SER A 197 -41.27 13.06 -19.08
C SER A 197 -42.45 13.97 -19.36
N THR A 198 -43.56 13.37 -19.79
CA THR A 198 -44.81 14.12 -19.99
C THR A 198 -45.38 14.56 -18.64
N VAL A 199 -45.13 13.75 -17.62
CA VAL A 199 -45.50 14.10 -16.26
C VAL A 199 -44.98 15.50 -15.92
N ALA A 200 -45.65 16.18 -15.00
CA ALA A 200 -45.16 17.46 -14.50
C ALA A 200 -43.86 17.25 -13.71
N ARG A 201 -42.81 17.97 -14.10
CA ARG A 201 -41.54 17.91 -13.40
C ARG A 201 -41.07 19.31 -13.05
N GLU A 202 -41.01 19.61 -11.75
CA GLU A 202 -40.62 20.93 -11.30
C GLU A 202 -39.86 20.88 -10.00
N ALA A 203 -39.41 22.04 -9.53
CA ALA A 203 -38.66 22.12 -8.29
C ALA A 203 -39.59 22.52 -7.14
N SER A 204 -39.48 21.82 -6.03
CA SER A 204 -40.27 22.15 -4.85
C SER A 204 -39.92 23.56 -4.37
N ASP A 205 -40.84 24.18 -3.64
CA ASP A 205 -40.55 25.47 -3.03
C ASP A 205 -39.34 25.31 -2.13
N LYS A 206 -39.14 24.09 -1.66
CA LYS A 206 -37.97 23.78 -0.85
C LYS A 206 -36.71 23.96 -1.69
N GLU A 207 -36.68 23.31 -2.85
CA GLU A 207 -35.52 23.40 -3.73
C GLU A 207 -35.22 24.83 -4.15
N LYS A 208 -36.18 25.48 -4.81
CA LYS A 208 -35.96 26.83 -5.35
C LYS A 208 -35.32 27.76 -4.32
N ALA A 209 -35.48 27.43 -3.04
CA ALA A 209 -34.95 28.27 -1.96
C ALA A 209 -33.47 28.06 -1.72
N LYS A 210 -32.96 26.89 -2.13
CA LYS A 210 -31.54 26.58 -1.96
C LYS A 210 -30.67 27.55 -2.75
N ASP A 211 -29.35 27.41 -2.62
CA ASP A 211 -28.43 28.28 -3.36
C ASP A 211 -28.41 27.88 -4.83
N LEU A 212 -27.95 26.66 -5.08
CA LEU A 212 -27.94 26.08 -6.43
C LEU A 212 -29.08 25.08 -6.60
N PRO A 213 -30.31 25.57 -6.75
CA PRO A 213 -31.47 24.71 -6.95
C PRO A 213 -31.25 23.69 -8.06
N THR A 214 -31.98 22.57 -8.02
CA THR A 214 -31.96 21.61 -9.11
C THR A 214 -33.27 21.69 -9.89
N PHE A 215 -33.33 22.61 -10.84
CA PHE A 215 -34.52 22.82 -11.64
C PHE A 215 -34.81 21.62 -12.52
N LYS A 216 -36.04 21.53 -13.02
CA LYS A 216 -36.46 20.38 -13.80
C LYS A 216 -37.14 20.77 -15.12
N ASP A 217 -37.80 19.81 -15.74
CA ASP A 217 -38.26 19.94 -17.12
C ASP A 217 -39.06 21.20 -17.40
N ASN A 218 -40.05 21.45 -16.55
CA ASN A 218 -40.96 22.56 -16.78
C ASN A 218 -40.32 23.90 -16.44
N ASP A 219 -39.35 23.86 -15.53
CA ASP A 219 -38.54 25.04 -15.22
C ASP A 219 -37.73 25.42 -16.44
N PHE A 220 -37.07 24.44 -17.04
CA PHE A 220 -36.30 24.68 -18.26
C PHE A 220 -37.20 25.22 -19.37
N LEU A 221 -38.33 24.55 -19.60
CA LEU A 221 -39.28 24.97 -20.63
C LEU A 221 -39.90 26.34 -20.33
N ASN A 222 -40.26 26.57 -19.07
CA ASN A 222 -40.87 27.83 -18.66
C ASN A 222 -39.94 29.03 -18.70
N GLU A 223 -38.67 28.81 -18.40
CA GLU A 223 -37.66 29.87 -18.42
C GLU A 223 -37.34 30.32 -19.84
N GLY A 224 -37.83 29.58 -20.83
CA GLY A 224 -37.45 29.80 -22.22
C GLY A 224 -35.99 29.46 -22.46
N GLN A 225 -35.37 28.77 -21.50
CA GLN A 225 -33.94 28.50 -21.59
C GLN A 225 -33.57 27.81 -22.89
N LYS A 226 -32.36 28.09 -23.37
CA LYS A 226 -31.81 27.46 -24.55
C LYS A 226 -30.30 27.38 -24.40
N LEU A 227 -29.67 26.44 -25.09
CA LEU A 227 -28.23 26.27 -24.99
C LEU A 227 -27.58 26.47 -26.36
N HIS A 228 -26.90 27.60 -26.51
CA HIS A 228 -26.34 28.01 -27.79
C HIS A 228 -24.94 27.45 -28.00
N VAL A 229 -24.85 26.30 -28.66
CA VAL A 229 -23.59 25.59 -28.77
C VAL A 229 -23.00 25.67 -30.18
N GLY A 230 -23.86 25.88 -31.16
CA GLY A 230 -23.40 25.86 -32.53
C GLY A 230 -23.56 24.49 -33.18
N GLU A 231 -23.90 24.52 -34.46
CA GLU A 231 -24.27 23.33 -35.23
C GLU A 231 -23.28 22.16 -35.11
N GLU A 232 -21.99 22.45 -35.16
CA GLU A 232 -21.01 21.37 -35.14
C GLU A 232 -21.00 20.66 -33.79
N SER A 233 -21.13 21.42 -32.70
CA SER A 233 -21.22 20.79 -31.38
C SER A 233 -22.53 20.05 -31.23
N LYS A 234 -23.59 20.63 -31.79
CA LYS A 234 -24.91 20.09 -31.59
C LYS A 234 -24.97 18.73 -32.25
N LYS A 235 -24.31 18.61 -33.37
CA LYS A 235 -24.35 17.37 -34.13
C LYS A 235 -23.55 16.31 -33.40
N ASN A 236 -22.34 16.68 -32.96
CA ASN A 236 -21.50 15.74 -32.20
C ASN A 236 -22.20 15.32 -30.92
N PHE A 237 -22.79 16.28 -30.22
CA PHE A 237 -23.55 15.96 -29.02
C PHE A 237 -24.66 14.99 -29.33
N LEU A 238 -25.46 15.29 -30.37
CA LEU A 238 -26.64 14.48 -30.69
C LEU A 238 -26.29 13.07 -31.18
N GLU A 239 -25.13 12.91 -31.81
CA GLU A 239 -24.68 11.58 -32.19
C GLU A 239 -24.30 10.71 -30.99
N LYS A 240 -23.66 11.31 -29.98
CA LYS A 240 -23.40 10.63 -28.70
C LYS A 240 -24.71 10.22 -28.04
N LEU A 241 -25.59 11.19 -27.86
CA LEU A 241 -26.84 10.94 -27.18
C LEU A 241 -27.59 9.78 -27.81
N LYS A 242 -27.55 9.71 -29.14
CA LYS A 242 -28.24 8.67 -29.88
C LYS A 242 -27.80 7.24 -29.50
N ARG A 243 -26.51 6.97 -29.60
CA ARG A 243 -26.03 5.63 -29.25
C ARG A 243 -26.07 5.36 -27.74
N ASP A 244 -25.83 6.40 -26.92
CA ASP A 244 -25.93 6.23 -25.46
C ASP A 244 -27.33 5.75 -25.07
N VAL A 245 -28.36 6.47 -25.49
CA VAL A 245 -29.70 6.13 -25.06
C VAL A 245 -30.19 4.85 -25.74
N GLU A 246 -29.63 4.52 -26.90
CA GLU A 246 -29.98 3.29 -27.57
C GLU A 246 -29.34 2.10 -26.86
N PHE A 247 -28.10 2.31 -26.40
CA PHE A 247 -27.40 1.33 -25.58
C PHE A 247 -28.17 1.07 -24.28
N LEU A 248 -28.59 2.15 -23.62
CA LEU A 248 -29.35 2.04 -22.38
C LEU A 248 -30.70 1.35 -22.61
N ALA A 249 -31.36 1.69 -23.70
CA ALA A 249 -32.61 1.04 -24.07
C ALA A 249 -32.42 -0.47 -24.30
N GLN A 250 -31.30 -0.85 -24.90
CA GLN A 250 -30.96 -2.25 -25.08
C GLN A 250 -30.92 -3.02 -23.75
N LEU A 251 -30.37 -2.40 -22.71
CA LEU A 251 -30.49 -2.96 -21.37
C LEU A 251 -31.91 -2.69 -20.86
N LYS A 252 -32.17 -2.97 -19.60
CA LYS A 252 -33.50 -2.76 -19.08
C LYS A 252 -33.53 -1.40 -18.41
N ILE A 253 -32.87 -0.41 -19.02
CA ILE A 253 -32.75 0.83 -18.26
C ILE A 253 -33.61 2.03 -18.66
N MET A 254 -34.20 2.66 -17.64
CA MET A 254 -35.14 3.77 -17.83
C MET A 254 -35.03 4.82 -16.73
N ASP A 255 -35.60 5.99 -16.98
CA ASP A 255 -35.75 7.02 -15.94
C ASP A 255 -34.48 7.78 -15.55
N TYR A 256 -33.41 7.55 -16.29
CA TYR A 256 -32.19 8.32 -16.14
C TYR A 256 -32.44 9.76 -16.58
N SER A 257 -31.55 10.67 -16.20
CA SER A 257 -31.73 12.08 -16.53
C SER A 257 -30.60 12.57 -17.42
N LEU A 258 -30.79 13.79 -17.94
CA LEU A 258 -29.68 14.52 -18.53
C LEU A 258 -29.32 15.59 -17.52
N LEU A 259 -28.12 15.50 -16.97
CA LEU A 259 -27.71 16.53 -16.02
C LEU A 259 -27.17 17.69 -16.82
N VAL A 260 -27.76 18.86 -16.64
CA VAL A 260 -27.33 20.07 -17.33
C VAL A 260 -26.79 21.14 -16.36
N GLY A 261 -25.51 21.45 -16.47
CA GLY A 261 -24.92 22.55 -15.75
C GLY A 261 -24.60 23.74 -16.64
N ILE A 262 -24.80 24.94 -16.10
CA ILE A 262 -24.56 26.16 -16.86
C ILE A 262 -23.59 27.09 -16.16
N HIS A 263 -22.55 27.48 -16.89
CA HIS A 263 -21.53 28.38 -16.37
C HIS A 263 -21.54 29.73 -17.11
N ASP A 264 -21.85 30.80 -16.37
CA ASP A 264 -21.92 32.18 -16.88
C ASP A 264 -20.53 32.80 -16.84
N VAL A 265 -19.90 32.96 -17.99
CA VAL A 265 -18.50 33.39 -18.03
C VAL A 265 -18.21 34.77 -17.42
N ASP A 266 -19.10 35.73 -17.68
CA ASP A 266 -18.94 37.08 -17.14
C ASP A 266 -19.17 37.10 -15.64
N ARG A 267 -20.26 36.49 -15.21
CA ARG A 267 -20.56 36.38 -13.80
C ARG A 267 -19.36 35.77 -13.05
N ALA A 268 -18.73 34.74 -13.63
CA ALA A 268 -17.54 34.18 -13.02
C ALA A 268 -16.38 35.18 -12.97
N GLU A 269 -16.14 35.88 -14.08
CA GLU A 269 -15.06 36.86 -14.11
C GLU A 269 -15.21 37.89 -13.00
N GLN A 270 -16.45 38.35 -12.79
CA GLN A 270 -16.80 39.26 -11.72
C GLN A 270 -16.61 38.64 -10.34
N GLU A 271 -17.09 37.41 -10.16
CA GLU A 271 -16.93 36.68 -8.92
C GLU A 271 -15.46 36.53 -8.52
N GLU A 272 -14.64 36.08 -9.48
CA GLU A 272 -13.20 36.04 -9.28
C GLU A 272 -12.70 37.42 -8.84
N MET A 273 -13.11 38.47 -9.56
CA MET A 273 -12.63 39.82 -9.30
C MET A 273 -12.96 40.28 -7.89
N GLU A 274 -14.11 39.84 -7.37
CA GLU A 274 -14.49 40.21 -6.01
C GLU A 274 -13.71 39.36 -5.03
N VAL A 275 -13.30 38.18 -5.49
CA VAL A 275 -12.52 37.27 -4.65
C VAL A 275 -11.15 37.85 -4.32
N GLU A 276 -10.50 38.41 -5.33
CA GLU A 276 -9.17 39.00 -5.15
C GLU A 276 -9.26 40.31 -4.37
N GLU A 277 -10.36 41.05 -4.57
CA GLU A 277 -10.57 42.31 -3.89
C GLU A 277 -10.38 42.16 -2.38
N ARG A 278 -10.89 41.07 -1.82
CA ARG A 278 -10.77 40.81 -0.40
C ARG A 278 -9.32 40.61 0.00
N ALA A 279 -8.49 40.24 -0.96
CA ALA A 279 -7.06 40.00 -0.71
C ALA A 279 -6.27 41.29 -0.87
N GLU A 280 -6.48 41.98 -1.99
CA GLU A 280 -5.78 43.24 -2.26
C GLU A 280 -6.22 44.33 -1.30
N ASP A 281 -7.48 44.73 -1.42
CA ASP A 281 -8.03 45.78 -0.55
C ASP A 281 -7.18 45.98 0.69
N GLY A 315 -8.62 30.56 -20.04
CA GLY A 315 -8.43 31.48 -18.94
C GLY A 315 -9.70 32.23 -18.58
N PRO A 316 -10.48 32.63 -19.60
CA PRO A 316 -11.79 33.24 -19.39
C PRO A 316 -12.88 32.41 -20.09
N GLY A 317 -13.50 31.49 -19.35
CA GLY A 317 -14.52 30.64 -19.95
C GLY A 317 -13.95 29.65 -20.97
N GLU A 318 -12.76 29.15 -20.70
CA GLU A 318 -12.24 28.04 -21.49
C GLU A 318 -11.80 26.87 -20.60
N PHE A 319 -11.60 25.73 -21.24
CA PHE A 319 -11.43 24.48 -20.52
C PHE A 319 -10.72 23.47 -21.38
N ASP A 320 -10.16 22.47 -20.70
CA ASP A 320 -9.44 21.39 -21.35
C ASP A 320 -10.43 20.28 -21.64
N PRO A 321 -10.81 20.11 -22.92
CA PRO A 321 -11.81 19.09 -23.28
C PRO A 321 -11.38 17.65 -22.92
N SER A 322 -10.12 17.46 -22.56
CA SER A 322 -9.68 16.14 -22.18
C SER A 322 -9.93 15.92 -20.69
N VAL A 323 -10.13 17.02 -19.95
CA VAL A 323 -10.40 16.97 -18.52
C VAL A 323 -11.89 17.23 -18.20
N ASP A 324 -12.36 18.44 -18.49
CA ASP A 324 -13.79 18.75 -18.47
C ASP A 324 -14.44 18.21 -19.74
N VAL A 325 -14.65 16.91 -19.70
CA VAL A 325 -15.04 16.09 -20.83
C VAL A 325 -16.46 16.32 -21.33
N TYR A 326 -17.34 16.91 -20.52
CA TYR A 326 -18.72 17.14 -20.96
C TYR A 326 -18.99 18.62 -21.23
N ALA A 327 -17.96 19.45 -21.07
CA ALA A 327 -18.08 20.89 -21.30
C ALA A 327 -18.24 21.25 -22.78
N MET A 328 -19.11 22.21 -23.08
CA MET A 328 -19.22 22.77 -24.43
C MET A 328 -19.32 24.28 -24.36
N LYS A 329 -18.46 24.97 -25.13
CA LYS A 329 -18.57 26.42 -25.31
C LYS A 329 -19.88 26.82 -25.99
N SER A 330 -20.28 28.06 -25.77
CA SER A 330 -21.42 28.64 -26.47
C SER A 330 -21.03 29.04 -27.89
N HIS A 331 -22.03 29.18 -28.75
CA HIS A 331 -21.80 29.60 -30.11
C HIS A 331 -21.35 31.02 -30.12
N GLU A 332 -20.42 31.35 -31.01
CA GLU A 332 -19.86 32.70 -31.08
C GLU A 332 -20.94 33.77 -31.08
N SER A 333 -22.11 33.43 -31.61
CA SER A 333 -23.23 34.35 -31.70
C SER A 333 -24.28 34.09 -30.61
N SER A 334 -23.83 33.70 -29.43
CA SER A 334 -24.71 33.45 -28.29
C SER A 334 -25.01 34.76 -27.57
N PRO A 335 -26.26 34.92 -27.09
CA PRO A 335 -26.71 36.12 -26.38
C PRO A 335 -25.72 36.52 -25.29
N LYS A 336 -25.09 35.52 -24.69
CA LYS A 336 -24.04 35.75 -23.71
C LYS A 336 -23.04 34.58 -23.64
N LYS A 337 -21.87 34.86 -23.08
CA LYS A 337 -20.76 33.94 -23.10
C LYS A 337 -20.89 32.87 -22.00
N GLU A 338 -21.18 31.64 -22.40
CA GLU A 338 -21.49 30.57 -21.47
C GLU A 338 -20.67 29.29 -21.69
N VAL A 339 -20.59 28.48 -20.64
CA VAL A 339 -20.11 27.11 -20.80
C VAL A 339 -21.16 26.17 -20.26
N TYR A 340 -21.42 25.09 -21.00
CA TYR A 340 -22.38 24.09 -20.55
C TYR A 340 -21.70 22.77 -20.23
N PHE A 341 -22.28 22.07 -19.25
CA PHE A 341 -21.90 20.69 -18.96
C PHE A 341 -23.16 19.83 -19.02
N MET A 342 -23.12 18.78 -19.83
CA MET A 342 -24.28 17.93 -20.10
C MET A 342 -23.86 16.47 -20.11
N ALA A 343 -24.50 15.68 -19.27
CA ALA A 343 -24.15 14.27 -19.16
C ALA A 343 -25.39 13.55 -18.77
N ILE A 344 -25.44 12.26 -19.11
CA ILE A 344 -26.54 11.43 -18.67
C ILE A 344 -26.30 11.05 -17.23
N ALA A 345 -27.35 11.14 -16.42
CA ALA A 345 -27.26 10.78 -15.01
C ALA A 345 -28.18 9.61 -14.64
N ASP A 346 -27.75 8.82 -13.65
CA ASP A 346 -28.61 7.83 -12.99
C ASP A 346 -29.05 6.69 -13.90
N ILE A 347 -28.12 5.84 -14.30
CA ILE A 347 -28.43 4.74 -15.19
C ILE A 347 -28.43 3.42 -14.45
N LEU A 348 -28.16 3.49 -13.16
CA LEU A 348 -27.95 2.30 -12.34
C LEU A 348 -29.23 1.94 -11.63
N THR A 349 -29.65 2.83 -10.73
CA THR A 349 -30.87 2.64 -9.94
C THR A 349 -32.08 2.28 -10.81
N THR A 374 -47.99 4.58 -18.68
CA THR A 374 -46.75 3.84 -18.57
C THR A 374 -45.88 4.11 -19.75
N VAL A 375 -44.65 3.60 -19.68
CA VAL A 375 -43.71 3.73 -20.78
C VAL A 375 -42.50 2.81 -20.59
N ASN A 376 -42.05 2.19 -21.69
CA ASN A 376 -40.92 1.27 -21.63
C ASN A 376 -39.59 1.89 -22.09
N PRO A 377 -38.47 1.18 -21.89
CA PRO A 377 -37.13 1.67 -22.21
C PRO A 377 -37.00 2.20 -23.64
N GLU A 378 -37.19 1.34 -24.63
CA GLU A 378 -37.02 1.72 -26.02
C GLU A 378 -37.65 3.07 -26.32
N GLN A 379 -38.85 3.29 -25.81
CA GLN A 379 -39.55 4.55 -26.06
C GLN A 379 -38.92 5.72 -25.30
N TYR A 380 -38.50 5.46 -24.07
CA TYR A 380 -37.84 6.47 -23.26
C TYR A 380 -36.68 7.08 -24.04
N SER A 381 -35.78 6.22 -24.51
CA SER A 381 -34.66 6.65 -25.32
C SER A 381 -35.13 7.51 -26.51
N LYS A 382 -36.26 7.12 -27.11
CA LYS A 382 -36.85 7.91 -28.19
C LYS A 382 -37.32 9.26 -27.67
N ARG A 383 -38.07 9.26 -26.58
CA ARG A 383 -38.58 10.49 -25.96
C ARG A 383 -37.45 11.33 -25.37
N PHE A 384 -36.71 10.76 -24.42
CA PHE A 384 -35.54 11.44 -23.87
C PHE A 384 -34.81 12.13 -25.01
N ASN A 385 -34.59 11.41 -26.11
CA ASN A 385 -33.81 11.93 -27.23
C ASN A 385 -34.36 13.18 -27.90
N GLU A 386 -35.66 13.17 -28.17
CA GLU A 386 -36.31 14.32 -28.80
C GLU A 386 -36.15 15.58 -27.94
N PHE A 387 -36.26 15.42 -26.62
CA PHE A 387 -36.19 16.54 -25.70
C PHE A 387 -34.82 17.23 -25.75
N MET A 388 -33.76 16.47 -25.50
CA MET A 388 -32.41 17.04 -25.51
C MET A 388 -32.03 17.62 -26.87
N SER A 389 -32.60 17.10 -27.95
CA SER A 389 -32.33 17.67 -29.26
C SER A 389 -32.92 19.07 -29.39
N ASN A 390 -33.89 19.39 -28.53
CA ASN A 390 -34.57 20.69 -28.54
C ASN A 390 -34.06 21.65 -27.46
N ILE A 391 -33.20 21.13 -26.59
CA ILE A 391 -32.57 21.90 -25.54
C ILE A 391 -31.58 22.91 -26.12
N LEU A 392 -31.15 22.68 -27.36
CA LEU A 392 -30.06 23.48 -27.90
C LEU A 392 -30.22 24.04 -29.32
N THR A 393 -29.27 24.90 -29.70
CA THR A 393 -29.24 25.55 -31.00
C THR A 393 -27.79 25.86 -31.37
N VAL B 10 7.70 -2.57 -10.29
CA VAL B 10 6.70 -3.63 -10.38
C VAL B 10 7.15 -4.93 -9.73
N LYS B 11 6.77 -5.13 -8.47
CA LYS B 11 7.15 -6.33 -7.73
C LYS B 11 6.06 -7.40 -7.82
N LEU B 12 6.45 -8.60 -8.27
CA LEU B 12 5.51 -9.71 -8.41
C LEU B 12 5.40 -10.62 -7.16
N PHE B 13 6.44 -10.60 -6.33
CA PHE B 13 6.48 -11.50 -5.19
C PHE B 13 6.46 -12.96 -5.69
N ARG B 14 7.21 -13.20 -6.77
CA ARG B 14 7.40 -14.57 -7.26
C ARG B 14 8.47 -15.23 -6.39
N ALA B 15 8.13 -16.41 -5.85
CA ALA B 15 9.06 -17.17 -5.02
C ALA B 15 8.84 -18.69 -5.13
N SER B 16 9.81 -19.46 -4.65
CA SER B 16 9.76 -20.92 -4.72
C SER B 16 8.52 -21.47 -4.03
N GLU B 17 7.93 -20.66 -3.16
CA GLU B 17 6.96 -21.17 -2.20
C GLU B 17 6.03 -20.04 -1.75
N PRO B 18 4.73 -20.32 -1.67
CA PRO B 18 3.72 -19.30 -1.33
C PRO B 18 4.01 -18.56 0.00
N ILE B 19 4.48 -19.29 1.00
CA ILE B 19 4.88 -18.68 2.27
C ILE B 19 5.86 -17.52 2.03
N LEU B 20 6.80 -17.70 1.12
CA LEU B 20 7.76 -16.68 0.81
C LEU B 20 7.11 -15.53 0.08
N SER B 21 6.17 -15.84 -0.81
CA SER B 21 5.44 -14.78 -1.48
C SER B 21 4.68 -13.94 -0.45
N VAL B 22 4.01 -14.60 0.49
CA VAL B 22 3.28 -13.87 1.50
C VAL B 22 4.22 -13.00 2.33
N LEU B 23 5.40 -13.51 2.63
CA LEU B 23 6.37 -12.77 3.39
C LEU B 23 6.79 -11.50 2.66
N MET B 24 7.13 -11.65 1.38
CA MET B 24 7.49 -10.51 0.52
C MET B 24 6.37 -9.51 0.42
N TRP B 25 5.18 -9.98 0.12
CA TRP B 25 4.02 -9.12 0.16
C TRP B 25 3.83 -8.44 1.53
N GLY B 26 4.00 -9.19 2.64
CA GLY B 26 3.81 -8.66 3.98
C GLY B 26 4.79 -7.55 4.38
N VAL B 27 6.08 -7.76 4.16
CA VAL B 27 7.08 -6.76 4.48
C VAL B 27 6.86 -5.50 3.63
N ASN B 28 6.56 -5.71 2.35
CA ASN B 28 6.20 -4.62 1.45
C ASN B 28 5.04 -3.79 1.97
N HIS B 29 3.95 -4.47 2.25
CA HIS B 29 2.76 -3.82 2.76
C HIS B 29 3.01 -3.06 4.06
N THR B 30 3.66 -3.71 5.03
CA THR B 30 3.85 -3.07 6.34
C THR B 30 4.82 -1.91 6.28
N ILE B 31 5.92 -2.07 5.54
CA ILE B 31 6.84 -0.95 5.43
C ILE B 31 6.16 0.25 4.76
N ASN B 32 5.41 0.00 3.67
CA ASN B 32 4.66 1.10 3.05
C ASN B 32 3.70 1.75 4.04
N GLU B 33 2.97 0.93 4.80
CA GLU B 33 2.04 1.46 5.77
C GLU B 33 2.78 2.31 6.82
N LEU B 34 3.92 1.80 7.30
CA LEU B 34 4.70 2.52 8.28
C LEU B 34 5.19 3.87 7.74
N SER B 35 5.44 3.96 6.44
CA SER B 35 5.93 5.22 5.89
C SER B 35 4.85 6.28 6.02
N ASN B 36 3.63 5.86 6.34
CA ASN B 36 2.57 6.81 6.63
C ASN B 36 2.35 7.00 8.10
N VAL B 37 3.25 6.49 8.92
CA VAL B 37 3.08 6.64 10.36
C VAL B 37 4.16 7.54 10.91
N PRO B 38 3.76 8.61 11.58
CA PRO B 38 4.81 9.53 12.00
C PRO B 38 5.76 8.80 12.94
N VAL B 39 7.05 9.05 12.76
CA VAL B 39 8.06 8.68 13.74
C VAL B 39 7.76 9.47 15.02
N PRO B 40 7.48 8.76 16.13
CA PRO B 40 7.11 9.36 17.41
C PRO B 40 8.32 9.85 18.18
N VAL B 41 8.08 10.67 19.20
CA VAL B 41 9.17 11.23 20.01
C VAL B 41 9.70 10.19 20.97
N MET B 42 8.91 9.14 21.20
CA MET B 42 9.33 8.05 22.07
C MET B 42 8.40 6.83 21.91
N LEU B 43 8.91 5.65 22.18
CA LEU B 43 8.07 4.48 22.24
C LEU B 43 7.25 4.55 23.52
N MET B 44 6.06 3.99 23.47
CA MET B 44 5.19 3.91 24.61
C MET B 44 5.02 2.45 24.98
N PRO B 45 4.59 2.17 26.22
CA PRO B 45 4.46 0.78 26.67
C PRO B 45 3.53 -0.04 25.75
N ASP B 46 2.42 0.55 25.32
CA ASP B 46 1.52 -0.11 24.38
C ASP B 46 2.21 -0.52 23.08
N ASP B 47 3.26 0.19 22.69
CA ASP B 47 3.92 -0.14 21.43
C ASP B 47 4.53 -1.55 21.56
N PHE B 48 4.78 -1.97 22.80
CA PHE B 48 5.31 -3.29 23.10
C PHE B 48 4.25 -4.40 23.19
N LYS B 49 2.97 -4.04 23.08
CA LYS B 49 1.90 -5.04 23.02
C LYS B 49 1.05 -4.86 21.79
N ALA B 50 1.58 -4.12 20.83
CA ALA B 50 0.78 -3.76 19.68
C ALA B 50 1.02 -4.69 18.49
N TYR B 51 0.13 -4.63 17.51
CA TYR B 51 0.37 -5.35 16.27
C TYR B 51 -0.50 -4.83 15.15
N SER B 52 -0.11 -5.18 13.94
CA SER B 52 -0.94 -5.00 12.77
C SER B 52 -1.36 -6.38 12.29
N LYS B 53 -2.61 -6.50 11.90
CA LYS B 53 -3.08 -7.71 11.26
C LYS B 53 -3.81 -7.34 9.98
N ILE B 54 -3.50 -8.05 8.91
CA ILE B 54 -4.30 -7.90 7.71
C ILE B 54 -4.69 -9.27 7.19
N LYS B 55 -5.93 -9.40 6.75
CA LYS B 55 -6.38 -10.64 6.09
C LYS B 55 -6.70 -10.38 4.63
N VAL B 56 -6.14 -11.17 3.73
CA VAL B 56 -6.45 -11.03 2.31
C VAL B 56 -7.32 -12.16 1.72
N ASP B 57 -8.37 -11.75 1.03
CA ASP B 57 -9.28 -12.65 0.32
C ASP B 57 -9.51 -12.19 -1.14
N ASN B 58 -8.67 -12.63 -2.08
CA ASN B 58 -8.78 -12.20 -3.49
C ASN B 58 -9.44 -13.18 -4.47
N HIS B 59 -10.73 -12.96 -4.73
CA HIS B 59 -11.45 -13.80 -5.69
C HIS B 59 -11.10 -13.46 -7.15
N LEU B 60 -10.42 -14.39 -7.82
CA LEU B 60 -10.20 -14.31 -9.25
C LEU B 60 -9.32 -13.09 -9.60
N PHE B 61 -8.57 -12.64 -8.61
CA PHE B 61 -7.68 -11.49 -8.77
C PHE B 61 -6.28 -11.71 -8.18
N ASN B 62 -5.26 -11.53 -9.02
CA ASN B 62 -3.88 -11.37 -8.56
C ASN B 62 -3.31 -12.61 -7.89
N LYS B 63 -3.53 -13.74 -8.55
CA LYS B 63 -3.26 -15.09 -8.02
C LYS B 63 -2.01 -15.73 -8.61
N GLU B 64 -1.37 -15.04 -9.55
CA GLU B 64 -0.22 -15.58 -10.25
C GLU B 64 0.89 -16.02 -9.32
N ASN B 65 1.15 -15.26 -8.26
CA ASN B 65 2.20 -15.63 -7.32
C ASN B 65 1.66 -15.79 -5.90
N LEU B 66 0.69 -14.94 -5.58
CA LEU B 66 0.05 -14.90 -4.26
C LEU B 66 -1.13 -15.85 -4.12
N PRO B 67 -1.29 -16.47 -2.94
CA PRO B 67 -2.54 -17.18 -2.63
C PRO B 67 -3.69 -16.17 -2.61
N SER B 68 -4.89 -16.60 -2.98
CA SER B 68 -6.07 -15.75 -2.91
C SER B 68 -6.47 -15.33 -1.50
N ARG B 69 -6.16 -16.19 -0.53
CA ARG B 69 -6.47 -15.95 0.88
C ARG B 69 -5.18 -16.11 1.66
N PHE B 70 -4.98 -15.25 2.66
CA PHE B 70 -3.81 -15.34 3.52
C PHE B 70 -3.90 -14.29 4.60
N LYS B 71 -3.13 -14.47 5.68
CA LYS B 71 -3.04 -13.47 6.73
C LYS B 71 -1.59 -13.09 6.97
N PHE B 72 -1.40 -11.86 7.43
CA PHE B 72 -0.07 -11.38 7.77
C PHE B 72 -0.19 -10.49 9.00
N LYS B 73 0.57 -10.83 10.02
CA LYS B 73 0.53 -10.12 11.28
C LYS B 73 1.93 -9.61 11.60
N GLU B 74 2.06 -8.32 11.89
CA GLU B 74 3.35 -7.85 12.37
C GLU B 74 3.27 -7.49 13.84
N TYR B 75 4.17 -8.05 14.64
CA TYR B 75 4.26 -7.73 16.07
C TYR B 75 5.04 -6.42 16.30
N CYS B 76 4.47 -5.55 17.11
CA CYS B 76 5.16 -4.37 17.66
C CYS B 76 5.91 -3.58 16.61
N PRO B 77 5.22 -3.24 15.52
CA PRO B 77 5.82 -2.58 14.36
C PRO B 77 6.54 -1.23 14.66
N MET B 78 6.04 -0.44 15.60
CA MET B 78 6.77 0.78 16.00
C MET B 78 8.10 0.46 16.70
N VAL B 79 8.12 -0.57 17.55
CA VAL B 79 9.38 -0.93 18.22
C VAL B 79 10.41 -1.43 17.20
N PHE B 80 10.01 -2.33 16.30
CA PHE B 80 10.98 -2.83 15.32
C PHE B 80 11.40 -1.76 14.30
N ARG B 81 10.51 -0.85 13.96
CA ARG B 81 10.92 0.23 13.10
C ARG B 81 12.00 1.09 13.81
N ASN B 82 11.78 1.41 15.07
CA ASN B 82 12.80 2.09 15.86
C ASN B 82 14.10 1.34 16.02
N LEU B 83 14.01 0.02 16.14
CA LEU B 83 15.20 -0.81 16.23
C LEU B 83 16.00 -0.76 14.93
N ARG B 84 15.29 -0.84 13.81
CA ARG B 84 15.94 -0.70 12.50
C ARG B 84 16.75 0.58 12.46
N GLU B 85 16.12 1.69 12.86
CA GLU B 85 16.79 2.97 12.81
C GLU B 85 17.99 2.98 13.74
N ARG B 86 17.79 2.52 14.98
CA ARG B 86 18.92 2.38 15.90
C ARG B 86 20.01 1.44 15.45
N PHE B 87 19.74 0.60 14.46
CA PHE B 87 20.79 -0.24 13.89
C PHE B 87 21.35 0.35 12.60
N GLY B 88 20.88 1.52 12.21
CA GLY B 88 21.36 2.12 10.98
C GLY B 88 20.79 1.49 9.72
N ILE B 89 19.63 0.84 9.83
CA ILE B 89 18.97 0.29 8.67
C ILE B 89 17.82 1.16 8.15
N ASP B 90 17.87 1.50 6.88
CA ASP B 90 16.80 2.30 6.31
C ASP B 90 15.61 1.40 5.95
N ASP B 91 14.40 1.85 6.29
CA ASP B 91 13.23 1.05 6.00
C ASP B 91 13.16 0.69 4.53
N GLN B 92 13.34 1.68 3.66
CA GLN B 92 13.30 1.42 2.22
C GLN B 92 14.30 0.36 1.77
N ASP B 93 15.48 0.32 2.36
CA ASP B 93 16.42 -0.76 2.03
C ASP B 93 15.97 -2.13 2.54
N TYR B 94 15.58 -2.19 3.81
CA TYR B 94 15.04 -3.39 4.40
C TYR B 94 13.92 -3.96 3.49
N GLN B 95 12.96 -3.11 3.15
CA GLN B 95 11.91 -3.50 2.22
C GLN B 95 12.48 -4.02 0.90
N ASN B 96 13.39 -3.24 0.30
CA ASN B 96 13.99 -3.64 -0.97
C ASN B 96 14.67 -5.01 -0.89
N SER B 97 15.30 -5.31 0.25
CA SER B 97 16.08 -6.54 0.37
C SER B 97 15.17 -7.73 0.40
N VAL B 98 13.94 -7.53 0.90
CA VAL B 98 13.01 -8.62 1.05
C VAL B 98 12.17 -8.84 -0.22
N THR B 99 11.93 -7.78 -0.97
CA THR B 99 10.87 -7.82 -1.98
C THR B 99 11.38 -7.81 -3.39
N ARG B 100 12.56 -7.23 -3.58
CA ARG B 100 13.18 -7.14 -4.90
C ARG B 100 13.26 -8.53 -5.49
N SER B 101 13.55 -9.53 -4.67
CA SER B 101 13.73 -10.90 -5.13
C SER B 101 13.55 -11.93 -4.00
N ALA B 102 13.01 -13.10 -4.34
CA ALA B 102 12.71 -14.12 -3.32
C ALA B 102 13.88 -14.39 -2.37
N PRO B 103 13.63 -14.37 -1.06
CA PRO B 103 14.71 -14.81 -0.18
C PRO B 103 15.06 -16.24 -0.51
N ILE B 104 16.30 -16.61 -0.24
CA ILE B 104 16.82 -17.88 -0.70
C ILE B 104 17.26 -18.80 0.45
N ASN B 105 17.49 -20.07 0.14
CA ASN B 105 17.88 -21.03 1.18
C ASN B 105 19.39 -21.11 1.39
N ARG B 115 13.06 -23.34 9.13
CA ARG B 115 14.01 -23.06 8.06
C ARG B 115 14.88 -21.81 8.30
N PHE B 116 15.88 -21.66 7.44
CA PHE B 116 16.85 -20.57 7.52
C PHE B 116 17.04 -19.94 6.16
N LEU B 117 16.35 -18.82 5.93
CA LEU B 117 16.51 -18.07 4.71
C LEU B 117 17.38 -16.84 4.94
N THR B 118 17.93 -16.30 3.85
CA THR B 118 18.44 -14.94 3.87
C THR B 118 17.74 -14.24 2.72
N THR B 119 17.68 -12.91 2.76
CA THR B 119 17.14 -12.15 1.63
C THR B 119 18.08 -12.41 0.46
N TYR B 120 17.69 -11.96 -0.73
CA TYR B 120 18.42 -12.40 -1.93
C TYR B 120 19.83 -11.81 -1.93
N ASP B 121 20.02 -10.71 -1.20
CA ASP B 121 21.33 -10.07 -1.13
C ASP B 121 22.06 -10.42 0.16
N ARG B 122 21.56 -11.44 0.86
CA ARG B 122 22.25 -11.95 2.04
C ARG B 122 22.41 -10.94 3.17
N ARG B 123 21.76 -9.78 3.06
CA ARG B 123 21.88 -8.78 4.12
C ARG B 123 21.13 -9.20 5.38
N PHE B 124 19.98 -9.84 5.20
CA PHE B 124 19.11 -10.13 6.31
C PHE B 124 18.81 -11.61 6.39
N VAL B 125 18.77 -12.11 7.63
CA VAL B 125 18.47 -13.51 7.87
C VAL B 125 17.01 -13.65 8.31
N ILE B 126 16.31 -14.64 7.74
CA ILE B 126 14.92 -14.90 8.11
C ILE B 126 14.77 -16.28 8.72
N LYS B 127 14.47 -16.35 10.01
CA LYS B 127 14.45 -17.62 10.73
C LYS B 127 13.03 -17.95 11.13
N THR B 128 12.57 -19.14 10.76
CA THR B 128 11.32 -19.63 11.32
C THR B 128 11.55 -19.94 12.80
N VAL B 129 10.60 -19.56 13.63
CA VAL B 129 10.72 -19.75 15.06
C VAL B 129 9.36 -20.21 15.58
N SER B 130 9.31 -20.47 16.88
CA SER B 130 8.12 -21.03 17.49
C SER B 130 7.27 -19.99 18.17
N SER B 131 6.03 -20.35 18.44
CA SER B 131 5.14 -19.55 19.26
C SER B 131 5.79 -19.17 20.59
N GLU B 132 6.51 -20.09 21.23
CA GLU B 132 7.06 -19.78 22.55
C GLU B 132 8.15 -18.74 22.37
N ASP B 133 8.91 -18.89 21.30
CA ASP B 133 9.87 -17.89 20.87
C ASP B 133 9.26 -16.48 20.79
N VAL B 134 8.11 -16.37 20.13
CA VAL B 134 7.51 -15.06 19.90
C VAL B 134 7.04 -14.47 21.22
N ALA B 135 6.69 -15.34 22.16
CA ALA B 135 6.33 -14.96 23.51
C ALA B 135 7.57 -14.46 24.21
N GLU B 136 8.61 -15.28 24.17
CA GLU B 136 9.86 -14.92 24.82
C GLU B 136 10.33 -13.53 24.35
N MET B 137 10.24 -13.28 23.04
CA MET B 137 10.60 -11.97 22.50
C MET B 137 9.76 -10.83 23.11
N HIS B 138 8.45 -11.01 23.14
CA HIS B 138 7.61 -10.05 23.82
C HIS B 138 8.10 -9.85 25.23
N ASN B 139 8.59 -10.93 25.84
CA ASN B 139 9.08 -10.86 27.20
C ASN B 139 10.32 -10.00 27.39
N ILE B 140 11.27 -10.12 26.49
CA ILE B 140 12.50 -9.40 26.66
C ILE B 140 12.50 -8.06 25.94
N LEU B 141 11.48 -7.79 25.12
CA LEU B 141 11.58 -6.73 24.10
C LEU B 141 11.84 -5.31 24.66
N LYS B 142 11.07 -4.89 25.65
CA LYS B 142 11.26 -3.59 26.31
C LYS B 142 12.69 -3.44 26.81
N LYS B 143 13.21 -4.47 27.46
CA LYS B 143 14.54 -4.39 28.04
C LYS B 143 15.60 -4.46 26.95
N TYR B 144 15.34 -5.29 25.94
CA TYR B 144 16.25 -5.39 24.81
C TYR B 144 16.36 -4.05 24.11
N HIS B 145 15.23 -3.40 23.90
CA HIS B 145 15.20 -2.09 23.24
C HIS B 145 15.98 -1.07 24.07
N GLN B 146 15.65 -1.01 25.36
CA GLN B 146 16.32 -0.09 26.28
C GLN B 146 17.83 -0.28 26.24
N PHE B 147 18.26 -1.53 26.12
CA PHE B 147 19.68 -1.82 26.09
C PHE B 147 20.32 -1.42 24.74
N ILE B 148 19.54 -1.56 23.66
CA ILE B 148 20.00 -1.09 22.36
C ILE B 148 20.17 0.43 22.36
N VAL B 149 19.28 1.14 23.05
CA VAL B 149 19.40 2.58 23.21
C VAL B 149 20.66 2.93 23.98
N GLU B 150 20.80 2.35 25.17
CA GLU B 150 21.92 2.66 26.06
C GLU B 150 23.29 2.34 25.46
N CYS B 151 23.34 1.46 24.47
CA CYS B 151 24.63 1.14 23.86
C CYS B 151 24.74 1.63 22.40
N HIS B 152 23.84 2.53 22.03
CA HIS B 152 23.90 3.18 20.72
C HIS B 152 24.05 2.18 19.58
N GLY B 153 23.35 1.05 19.67
CA GLY B 153 23.25 0.13 18.55
C GLY B 153 24.46 -0.78 18.42
N ASN B 154 25.45 -0.56 19.28
CA ASN B 154 26.72 -1.27 19.18
C ASN B 154 26.78 -2.47 20.14
N THR B 155 26.72 -3.67 19.58
CA THR B 155 26.49 -4.87 20.36
C THR B 155 26.63 -6.14 19.54
N LEU B 156 27.03 -7.22 20.18
CA LEU B 156 27.14 -8.48 19.51
C LEU B 156 25.85 -9.28 19.62
N LEU B 157 24.87 -8.76 20.36
CA LEU B 157 23.58 -9.43 20.43
C LEU B 157 23.01 -9.55 19.04
N PRO B 158 22.08 -10.49 18.84
CA PRO B 158 21.39 -10.50 17.55
C PRO B 158 20.72 -9.14 17.36
N GLN B 159 20.63 -8.67 16.13
CA GLN B 159 19.91 -7.42 15.88
C GLN B 159 18.58 -7.74 15.22
N PHE B 160 17.49 -7.61 15.99
CA PHE B 160 16.15 -7.97 15.55
C PHE B 160 15.50 -6.85 14.72
N LEU B 161 15.16 -7.16 13.49
CA LEU B 161 14.69 -6.15 12.56
C LEU B 161 13.19 -6.16 12.39
N GLY B 162 12.57 -7.31 12.68
CA GLY B 162 11.13 -7.44 12.62
C GLY B 162 10.67 -8.83 13.03
N MET B 163 9.38 -8.95 13.35
CA MET B 163 8.82 -10.23 13.77
C MET B 163 7.40 -10.37 13.25
N TYR B 164 7.14 -11.50 12.62
CA TYR B 164 5.94 -11.64 11.81
C TYR B 164 5.25 -12.97 12.07
N ARG B 165 3.94 -13.00 11.89
CA ARG B 165 3.24 -14.28 11.78
C ARG B 165 2.44 -14.35 10.49
N LEU B 166 2.66 -15.43 9.76
CA LEU B 166 2.00 -15.70 8.49
C LEU B 166 0.97 -16.82 8.61
N THR B 167 -0.19 -16.58 8.00
CA THR B 167 -1.24 -17.59 7.95
C THR B 167 -1.53 -17.96 6.52
N VAL B 168 -1.11 -19.16 6.14
CA VAL B 168 -1.20 -19.61 4.77
C VAL B 168 -1.67 -21.06 4.68
N ASP B 169 -2.75 -21.26 3.92
CA ASP B 169 -3.41 -22.56 3.85
C ASP B 169 -3.87 -22.99 5.23
N GLY B 170 -4.23 -22.02 6.07
CA GLY B 170 -4.63 -22.31 7.43
C GLY B 170 -3.48 -22.52 8.38
N VAL B 171 -2.24 -22.52 7.88
CA VAL B 171 -1.11 -22.72 8.78
C VAL B 171 -0.34 -21.46 9.22
N GLU B 172 -0.30 -21.26 10.53
CA GLU B 172 0.39 -20.13 11.15
C GLU B 172 1.89 -20.40 11.17
N THR B 173 2.70 -19.42 10.76
CA THR B 173 4.16 -19.55 10.78
C THR B 173 4.80 -18.27 11.34
N TYR B 174 5.69 -18.42 12.32
CA TYR B 174 6.32 -17.27 12.96
C TYR B 174 7.71 -17.04 12.40
N MET B 175 8.09 -15.79 12.21
CA MET B 175 9.39 -15.50 11.63
C MET B 175 10.05 -14.31 12.29
N VAL B 176 11.36 -14.40 12.51
CA VAL B 176 12.14 -13.28 13.04
C VAL B 176 13.23 -12.90 12.08
N VAL B 177 13.38 -11.59 11.85
CA VAL B 177 14.36 -11.09 10.90
C VAL B 177 15.53 -10.44 11.63
N THR B 178 16.74 -10.87 11.30
CA THR B 178 17.94 -10.32 11.91
C THR B 178 18.89 -9.81 10.85
N ARG B 179 19.83 -8.98 11.28
CA ARG B 179 20.93 -8.64 10.40
C ARG B 179 21.87 -9.82 10.34
N ASN B 180 22.26 -10.19 9.14
CA ASN B 180 23.14 -11.34 8.95
C ASN B 180 24.42 -11.15 9.76
N VAL B 181 24.82 -12.19 10.47
CA VAL B 181 26.06 -12.11 11.22
C VAL B 181 27.27 -12.09 10.30
N PHE B 182 27.24 -12.97 9.29
CA PHE B 182 28.33 -13.07 8.31
C PHE B 182 28.22 -11.94 7.31
N SER B 183 29.24 -11.83 6.47
CA SER B 183 29.28 -10.84 5.41
C SER B 183 28.31 -11.24 4.30
N HIS B 184 27.75 -10.23 3.63
CA HIS B 184 26.77 -10.45 2.56
C HIS B 184 27.43 -10.74 1.25
N ARG B 185 28.75 -10.50 1.23
CA ARG B 185 29.60 -10.75 0.08
C ARG B 185 30.69 -11.79 0.39
N LEU B 186 31.52 -11.54 1.39
CA LEU B 186 32.61 -12.45 1.73
C LEU B 186 32.14 -13.87 2.07
N THR B 187 32.56 -14.85 1.26
CA THR B 187 32.33 -16.25 1.54
C THR B 187 32.96 -16.61 2.88
N VAL B 188 32.23 -17.32 3.73
CA VAL B 188 32.82 -17.83 4.96
C VAL B 188 33.34 -19.24 4.74
N HIS B 189 34.56 -19.52 5.17
CA HIS B 189 35.12 -20.80 4.87
C HIS B 189 35.02 -21.81 5.96
N ARG B 190 34.81 -21.35 7.20
CA ARG B 190 34.61 -22.23 8.35
C ARG B 190 33.90 -21.57 9.55
N LYS B 191 32.95 -22.27 10.14
CA LYS B 191 32.22 -21.67 11.22
C LYS B 191 32.18 -22.51 12.44
N TYR B 192 32.30 -21.85 13.57
CA TYR B 192 32.32 -22.52 14.86
C TYR B 192 31.20 -21.98 15.73
N ASP B 193 30.45 -22.89 16.34
CA ASP B 193 29.45 -22.51 17.33
C ASP B 193 30.07 -22.73 18.72
N LEU B 194 30.18 -21.67 19.50
CA LEU B 194 30.95 -21.72 20.75
C LEU B 194 30.14 -21.35 21.99
N LYS B 195 29.98 -22.31 22.90
CA LYS B 195 29.24 -22.06 24.13
C LYS B 195 30.16 -21.88 25.35
N GLY B 196 31.39 -22.37 25.23
CA GLY B 196 32.33 -22.35 26.34
C GLY B 196 31.96 -23.38 27.37
N SER B 197 31.24 -24.41 26.93
CA SER B 197 30.71 -25.45 27.80
C SER B 197 31.84 -26.33 28.33
N THR B 198 31.55 -27.08 29.39
CA THR B 198 32.53 -28.00 29.98
C THR B 198 32.23 -29.44 29.57
N VAL B 199 31.49 -29.60 28.49
CA VAL B 199 31.05 -30.92 28.05
C VAL B 199 31.59 -31.28 26.66
N ALA B 200 31.06 -32.35 26.08
CA ALA B 200 31.51 -32.82 24.77
C ALA B 200 30.74 -32.16 23.64
N ARG B 201 31.29 -31.08 23.09
CA ARG B 201 30.71 -30.44 21.93
C ARG B 201 31.67 -30.51 20.74
N GLU B 202 31.34 -31.36 19.79
CA GLU B 202 32.13 -31.57 18.59
C GLU B 202 31.17 -31.80 17.43
N ALA B 203 31.68 -31.73 16.20
CA ALA B 203 30.86 -32.01 15.03
C ALA B 203 30.61 -33.51 14.90
N SER B 204 29.37 -33.86 14.53
CA SER B 204 29.00 -35.25 14.31
C SER B 204 29.55 -35.71 12.97
N ASP B 205 29.84 -37.01 12.87
CA ASP B 205 30.36 -37.59 11.63
C ASP B 205 29.61 -37.13 10.38
N LYS B 206 28.28 -37.13 10.43
CA LYS B 206 27.50 -36.70 9.29
C LYS B 206 27.65 -35.19 9.08
N GLU B 207 27.59 -34.44 10.18
CA GLU B 207 27.74 -32.99 10.14
C GLU B 207 29.12 -32.61 9.58
N LYS B 208 30.13 -33.35 10.03
CA LYS B 208 31.52 -33.14 9.57
C LYS B 208 31.66 -33.33 8.08
N ALA B 209 30.57 -33.71 7.42
CA ALA B 209 30.61 -34.07 6.00
C ALA B 209 30.46 -32.86 5.08
N LYS B 210 29.33 -32.16 5.19
CA LYS B 210 28.97 -31.13 4.22
C LYS B 210 30.00 -30.03 4.08
N ASP B 211 29.78 -29.16 3.08
CA ASP B 211 30.71 -28.08 2.75
C ASP B 211 30.94 -27.10 3.89
N LEU B 212 29.85 -26.69 4.55
CA LEU B 212 29.92 -25.69 5.62
C LEU B 212 29.76 -26.32 7.01
N PRO B 213 30.85 -26.88 7.56
CA PRO B 213 30.78 -27.60 8.85
C PRO B 213 30.60 -26.65 10.02
N THR B 214 29.57 -26.90 10.83
CA THR B 214 29.37 -26.12 12.05
C THR B 214 30.10 -26.79 13.21
N PHE B 215 31.35 -26.35 13.42
CA PHE B 215 32.20 -26.92 14.45
C PHE B 215 31.78 -26.41 15.83
N LYS B 216 32.43 -26.92 16.87
CA LYS B 216 32.13 -26.50 18.24
C LYS B 216 33.39 -26.27 19.09
N ASP B 217 33.19 -25.98 20.37
CA ASP B 217 34.29 -25.67 21.28
C ASP B 217 35.47 -26.61 21.14
N ASN B 218 35.21 -27.89 21.38
CA ASN B 218 36.26 -28.90 21.41
C ASN B 218 37.05 -28.98 20.10
N ASP B 219 36.33 -29.07 18.98
CA ASP B 219 36.99 -29.13 17.68
C ASP B 219 37.72 -27.83 17.37
N PHE B 220 37.52 -26.83 18.21
CA PHE B 220 38.19 -25.54 18.05
C PHE B 220 39.40 -25.40 18.99
N LEU B 221 39.18 -25.60 20.28
CA LEU B 221 40.27 -25.55 21.25
C LEU B 221 41.30 -26.65 20.97
N ASN B 222 40.85 -27.76 20.38
CA ASN B 222 41.75 -28.86 20.00
C ASN B 222 42.27 -28.68 18.57
N GLU B 223 42.18 -27.45 18.07
CA GLU B 223 42.71 -27.11 16.74
C GLU B 223 43.86 -26.12 16.87
N GLY B 224 44.03 -25.57 18.08
CA GLY B 224 45.01 -24.53 18.30
C GLY B 224 44.62 -23.25 17.58
N GLN B 225 43.38 -23.17 17.11
CA GLN B 225 42.91 -22.01 16.37
C GLN B 225 42.76 -20.77 17.23
N LYS B 226 43.44 -19.70 16.84
CA LYS B 226 43.26 -18.39 17.44
C LYS B 226 42.69 -17.44 16.40
N LEU B 227 42.30 -16.25 16.87
CA LEU B 227 41.85 -15.18 15.98
C LEU B 227 42.69 -13.93 16.23
N HIS B 228 43.42 -13.49 15.21
CA HIS B 228 44.32 -12.36 15.35
C HIS B 228 43.66 -11.06 14.90
N VAL B 229 43.34 -10.20 15.87
CA VAL B 229 42.68 -8.94 15.57
C VAL B 229 43.48 -7.78 16.18
N GLY B 230 44.41 -8.14 17.06
CA GLY B 230 45.16 -7.16 17.81
C GLY B 230 44.68 -7.17 19.24
N GLU B 231 45.40 -6.48 20.12
CA GLU B 231 44.94 -6.31 21.49
C GLU B 231 43.99 -5.13 21.51
N GLU B 232 43.99 -4.37 20.41
CA GLU B 232 43.11 -3.21 20.28
C GLU B 232 41.68 -3.60 19.95
N SER B 233 41.49 -4.33 18.86
CA SER B 233 40.15 -4.78 18.49
C SER B 233 39.59 -5.69 19.57
N LYS B 234 40.48 -6.45 20.22
CA LYS B 234 40.11 -7.27 21.37
C LYS B 234 39.61 -6.38 22.51
N LYS B 235 40.12 -5.15 22.59
CA LYS B 235 39.62 -4.17 23.55
C LYS B 235 38.16 -3.82 23.28
N ASN B 236 37.89 -3.35 22.06
CA ASN B 236 36.53 -3.07 21.65
C ASN B 236 35.63 -4.31 21.80
N PHE B 237 36.07 -5.42 21.23
CA PHE B 237 35.26 -6.63 21.19
C PHE B 237 34.92 -7.19 22.58
N LEU B 238 35.90 -7.22 23.48
CA LEU B 238 35.68 -7.77 24.81
C LEU B 238 34.93 -6.79 25.71
N GLU B 239 35.16 -5.49 25.50
CA GLU B 239 34.39 -4.46 26.17
C GLU B 239 32.92 -4.63 25.78
N LYS B 240 32.70 -5.09 24.56
CA LYS B 240 31.35 -5.29 24.02
C LYS B 240 30.72 -6.54 24.59
N LEU B 241 31.43 -7.65 24.46
CA LEU B 241 30.94 -8.97 24.82
C LEU B 241 30.50 -9.03 26.28
N LYS B 242 31.19 -8.29 27.14
CA LYS B 242 30.92 -8.30 28.57
C LYS B 242 29.55 -7.69 28.88
N ARG B 243 29.35 -6.45 28.45
CA ARG B 243 28.08 -5.78 28.66
C ARG B 243 26.94 -6.64 28.13
N ASP B 244 27.18 -7.32 27.01
CA ASP B 244 26.17 -8.16 26.37
C ASP B 244 25.79 -9.35 27.27
N VAL B 245 26.76 -10.21 27.57
CA VAL B 245 26.49 -11.36 28.42
C VAL B 245 25.98 -10.95 29.80
N GLU B 246 26.38 -9.76 30.26
CA GLU B 246 25.83 -9.21 31.49
C GLU B 246 24.33 -9.00 31.31
N PHE B 247 23.97 -8.22 30.28
CA PHE B 247 22.56 -7.96 29.98
C PHE B 247 21.75 -9.24 29.93
N LEU B 248 22.31 -10.28 29.29
CA LEU B 248 21.62 -11.57 29.21
C LEU B 248 21.43 -12.21 30.58
N ALA B 249 22.45 -12.11 31.44
CA ALA B 249 22.37 -12.65 32.79
C ALA B 249 21.24 -11.99 33.60
N GLN B 250 21.29 -10.67 33.71
CA GLN B 250 20.27 -9.93 34.41
C GLN B 250 18.88 -10.37 33.93
N LEU B 251 18.81 -10.81 32.68
CA LEU B 251 17.56 -11.31 32.12
C LEU B 251 17.43 -12.79 32.39
N LYS B 252 18.42 -13.35 33.08
CA LYS B 252 18.41 -14.76 33.44
C LYS B 252 18.28 -15.65 32.21
N ILE B 253 19.03 -15.30 31.17
CA ILE B 253 19.06 -16.10 29.95
C ILE B 253 20.41 -16.80 29.84
N MET B 254 20.43 -17.91 29.11
CA MET B 254 21.69 -18.61 28.86
C MET B 254 21.58 -19.65 27.75
N ASP B 255 22.60 -20.49 27.66
CA ASP B 255 22.67 -21.53 26.64
C ASP B 255 22.69 -20.97 25.23
N TYR B 256 23.29 -19.79 25.09
CA TYR B 256 23.47 -19.13 23.80
C TYR B 256 24.88 -19.34 23.28
N SER B 257 25.05 -19.30 21.96
CA SER B 257 26.34 -19.57 21.35
C SER B 257 27.03 -18.29 20.89
N LEU B 258 28.32 -18.38 20.63
CA LEU B 258 29.01 -17.35 19.85
C LEU B 258 29.26 -17.90 18.47
N LEU B 259 28.53 -17.38 17.51
CA LEU B 259 28.71 -17.78 16.12
C LEU B 259 29.99 -17.10 15.63
N VAL B 260 30.92 -17.90 15.12
CA VAL B 260 32.18 -17.35 14.60
C VAL B 260 32.34 -17.76 13.15
N GLY B 261 32.65 -16.79 12.31
CA GLY B 261 32.88 -17.06 10.90
C GLY B 261 34.29 -16.65 10.49
N ILE B 262 34.86 -17.42 9.55
CA ILE B 262 36.22 -17.17 9.07
C ILE B 262 36.30 -17.11 7.55
N HIS B 263 36.80 -16.00 7.04
CA HIS B 263 37.00 -15.79 5.62
C HIS B 263 38.48 -15.79 5.34
N ASP B 264 38.96 -16.79 4.62
CA ASP B 264 40.37 -16.84 4.25
C ASP B 264 40.57 -16.04 2.97
N VAL B 265 41.23 -14.88 3.11
CA VAL B 265 41.38 -13.98 1.97
C VAL B 265 42.02 -14.65 0.76
N ASP B 266 43.24 -15.15 0.93
CA ASP B 266 43.98 -15.73 -0.18
C ASP B 266 43.16 -16.78 -0.93
N ARG B 267 42.54 -17.67 -0.18
CA ARG B 267 41.73 -18.75 -0.76
C ARG B 267 40.70 -18.20 -1.75
N ALA B 268 39.80 -17.34 -1.25
CA ALA B 268 38.77 -16.75 -2.08
C ALA B 268 39.35 -16.11 -3.33
N GLU B 269 40.43 -15.36 -3.16
CA GLU B 269 41.10 -14.71 -4.28
C GLU B 269 41.30 -15.70 -5.43
N GLN B 270 41.75 -16.89 -5.08
CA GLN B 270 41.93 -17.96 -6.06
C GLN B 270 40.66 -18.78 -6.20
N PHE B 314 36.08 -3.83 -5.67
CA PHE B 314 36.03 -5.28 -5.70
C PHE B 314 37.41 -5.90 -5.49
N GLY B 315 37.84 -5.96 -4.23
CA GLY B 315 39.14 -6.48 -3.88
C GLY B 315 39.06 -7.52 -2.79
N PRO B 316 40.16 -8.30 -2.61
CA PRO B 316 40.22 -9.34 -1.59
C PRO B 316 40.24 -8.74 -0.19
N GLY B 317 39.40 -9.28 0.69
CA GLY B 317 39.34 -8.80 2.06
C GLY B 317 38.70 -7.43 2.19
N GLU B 318 38.22 -6.88 1.08
CA GLU B 318 37.54 -5.59 1.07
C GLU B 318 36.11 -5.73 1.59
N PHE B 319 35.68 -4.81 2.45
CA PHE B 319 34.30 -4.81 2.87
C PHE B 319 33.86 -3.50 3.53
N ASP B 320 32.55 -3.26 3.53
CA ASP B 320 31.99 -2.04 4.10
C ASP B 320 31.59 -2.28 5.55
N PRO B 321 32.39 -1.78 6.50
CA PRO B 321 32.13 -1.99 7.93
C PRO B 321 30.75 -1.55 8.37
N SER B 322 30.14 -0.59 7.69
CA SER B 322 28.80 -0.14 8.07
C SER B 322 27.73 -1.12 7.60
N VAL B 323 28.07 -2.03 6.69
CA VAL B 323 27.11 -3.03 6.24
C VAL B 323 27.40 -4.40 6.86
N ASP B 324 28.68 -4.82 6.77
CA ASP B 324 29.15 -6.02 7.46
C ASP B 324 29.62 -5.64 8.84
N VAL B 325 28.64 -5.51 9.73
CA VAL B 325 28.80 -4.86 11.03
C VAL B 325 29.63 -5.68 12.00
N TYR B 326 29.72 -6.98 11.75
CA TYR B 326 30.33 -7.90 12.68
C TYR B 326 31.74 -8.32 12.29
N ALA B 327 32.15 -7.91 11.08
CA ALA B 327 33.42 -8.36 10.51
C ALA B 327 34.64 -7.69 11.14
N MET B 328 35.72 -8.44 11.25
CA MET B 328 36.98 -7.91 11.76
C MET B 328 38.15 -8.33 10.90
N LYS B 329 38.99 -7.36 10.55
CA LYS B 329 40.20 -7.63 9.78
C LYS B 329 41.20 -8.42 10.62
N SER B 330 41.90 -9.36 10.00
CA SER B 330 43.02 -9.98 10.65
C SER B 330 44.09 -8.92 10.90
N HIS B 331 44.81 -9.07 12.01
CA HIS B 331 45.88 -8.17 12.39
C HIS B 331 46.99 -8.18 11.35
N GLU B 332 47.95 -7.27 11.49
CA GLU B 332 49.08 -7.19 10.57
C GLU B 332 49.99 -8.41 10.74
N SER B 333 50.29 -8.72 12.00
CA SER B 333 51.24 -9.77 12.33
C SER B 333 50.63 -11.17 12.23
N SER B 334 49.35 -11.23 11.90
CA SER B 334 48.68 -12.52 11.77
C SER B 334 49.35 -13.38 10.69
N PRO B 335 49.36 -14.71 10.90
CA PRO B 335 49.91 -15.66 9.94
C PRO B 335 49.25 -15.56 8.57
N LYS B 336 47.98 -15.98 8.48
CA LYS B 336 47.25 -15.93 7.22
C LYS B 336 46.30 -14.73 7.20
N LYS B 337 45.98 -14.21 6.02
CA LYS B 337 45.14 -13.03 5.89
C LYS B 337 43.66 -13.38 5.95
N GLU B 338 42.99 -12.96 7.00
CA GLU B 338 41.63 -13.40 7.22
C GLU B 338 40.67 -12.26 7.57
N VAL B 339 39.39 -12.54 7.44
CA VAL B 339 38.36 -11.68 8.00
C VAL B 339 37.45 -12.52 8.87
N TYR B 340 37.24 -12.07 10.11
CA TYR B 340 36.41 -12.80 11.07
C TYR B 340 35.04 -12.16 11.25
N PHE B 341 34.05 -13.01 11.50
CA PHE B 341 32.70 -12.54 11.81
C PHE B 341 32.24 -13.10 13.14
N MET B 342 31.84 -12.22 14.06
CA MET B 342 31.58 -12.64 15.42
C MET B 342 30.45 -11.92 16.13
N ALA B 343 29.43 -12.69 16.49
CA ALA B 343 28.24 -12.18 17.17
C ALA B 343 27.61 -13.28 18.02
N ILE B 344 26.77 -12.87 18.96
CA ILE B 344 26.04 -13.80 19.81
C ILE B 344 24.78 -14.30 19.11
N ALA B 345 24.45 -15.50 19.20
CA ALA B 345 23.27 -16.07 18.52
C ALA B 345 22.39 -16.94 19.48
N ASP B 346 21.10 -17.12 19.09
CA ASP B 346 20.18 -17.98 19.75
C ASP B 346 20.11 -17.68 21.27
N ILE B 347 19.52 -16.65 21.56
CA ILE B 347 19.25 -16.33 22.95
C ILE B 347 17.76 -16.22 23.32
N LEU B 348 16.88 -16.74 22.48
CA LEU B 348 15.48 -16.72 22.79
C LEU B 348 15.09 -17.95 23.58
N THR B 349 15.09 -17.83 24.90
CA THR B 349 14.83 -18.97 25.79
C THR B 349 14.70 -18.54 27.26
N PRO B 377 23.03 -18.92 34.11
CA PRO B 377 22.86 -17.50 34.42
C PRO B 377 24.22 -16.81 34.58
N GLU B 378 24.53 -16.41 35.80
CA GLU B 378 25.81 -15.78 36.11
C GLU B 378 26.98 -16.65 35.69
N GLN B 379 26.86 -17.94 36.01
CA GLN B 379 27.91 -18.93 35.77
C GLN B 379 28.17 -19.05 34.28
N TYR B 380 27.10 -19.28 33.54
CA TYR B 380 27.18 -19.36 32.09
C TYR B 380 27.76 -18.06 31.57
N SER B 381 27.28 -16.94 32.13
CA SER B 381 27.73 -15.62 31.75
C SER B 381 29.24 -15.46 31.86
N LYS B 382 29.77 -15.76 33.03
CA LYS B 382 31.20 -15.57 33.29
C LYS B 382 32.07 -16.66 32.66
N ARG B 383 31.54 -17.88 32.61
CA ARG B 383 32.20 -19.00 31.93
C ARG B 383 32.30 -18.73 30.43
N PHE B 384 31.16 -18.48 29.79
CA PHE B 384 31.09 -18.07 28.40
C PHE B 384 32.11 -16.97 28.09
N ASN B 385 32.07 -15.90 28.89
CA ASN B 385 32.90 -14.73 28.66
C ASN B 385 34.40 -15.06 28.57
N GLU B 386 34.85 -16.00 29.41
CA GLU B 386 36.27 -16.31 29.50
C GLU B 386 36.77 -17.19 28.36
N PHE B 387 35.99 -18.21 28.01
CA PHE B 387 36.32 -19.07 26.87
C PHE B 387 36.36 -18.31 25.55
N MET B 388 35.76 -17.12 25.51
CA MET B 388 35.79 -16.28 24.31
C MET B 388 36.97 -15.31 24.36
N SER B 389 37.32 -14.88 25.56
CA SER B 389 38.46 -13.99 25.73
C SER B 389 39.74 -14.73 25.40
N ASN B 390 39.65 -16.05 25.30
CA ASN B 390 40.83 -16.88 25.04
C ASN B 390 41.00 -17.30 23.59
N ILE B 391 40.41 -16.54 22.68
CA ILE B 391 40.61 -16.78 21.26
C ILE B 391 41.11 -15.52 20.55
N LEU B 392 41.22 -14.43 21.31
CA LEU B 392 41.64 -13.15 20.76
C LEU B 392 43.02 -12.76 21.26
N THR B 393 44.02 -12.80 20.38
CA THR B 393 45.39 -12.48 20.77
C THR B 393 45.84 -11.14 20.20
P 5GP C . -27.98 12.65 -7.75
O1P 5GP C . -29.22 12.34 -6.94
O2P 5GP C . -28.14 12.92 -9.23
O3P 5GP C . -26.97 11.53 -7.57
O5' 5GP C . -27.17 13.85 -7.07
C5' 5GP C . -27.85 14.81 -6.26
C4' 5GP C . -27.37 16.22 -6.54
O4' 5GP C . -25.98 16.17 -6.94
C3' 5GP C . -28.15 16.96 -7.63
O3' 5GP C . -28.55 18.23 -7.16
C2' 5GP C . -27.15 17.14 -8.79
O2' 5GP C . -27.21 18.39 -9.43
C1' 5GP C . -25.77 16.90 -8.14
N9 5GP C . -24.86 16.13 -8.99
C8 5GP C . -25.24 15.03 -9.67
N7 5GP C . -24.19 14.57 -10.36
C5 5GP C . -23.14 15.39 -10.13
C6 5GP C . -21.83 15.41 -10.58
O6 5GP C . -21.40 14.54 -11.38
N1 5GP C . -21.02 16.39 -10.15
C2 5GP C . -21.44 17.34 -9.31
N2 5GP C . -20.57 18.32 -8.91
N3 5GP C . -22.72 17.35 -8.87
C4 5GP C . -23.58 16.38 -9.25
H5'1 5GP C . -28.93 14.76 -6.45
H5'2 5GP C . -27.69 14.58 -5.21
H4' 5GP C . -27.46 16.80 -5.61
H3' 5GP C . -29.00 16.36 -7.96
HO3' 5GP C . -28.97 18.73 -7.88
H2' 5GP C . -27.32 16.34 -9.52
HO2' 5GP C . -26.51 18.45 -10.08
H1' 5GP C . -25.33 17.88 -7.90
H8 5GP C . -26.22 14.58 -9.65
HN1 5GP C . -20.04 16.40 -10.48
HN21 5GP C . -20.88 19.04 -8.27
HN22 5GP C . -19.62 18.31 -9.25
P 5GP D . -21.63 -7.88 -1.59
O1P 5GP D . -22.08 -6.98 -0.53
O2P 5GP D . -21.72 -9.29 -1.31
O3P 5GP D . -20.34 -7.77 -2.21
O5' 5GP D . -22.56 -7.59 -2.81
C5' 5GP D . -23.49 -6.54 -2.77
C4' 5GP D . -24.46 -6.57 -3.93
O4' 5GP D . -23.74 -6.87 -5.10
C3' 5GP D . -25.41 -7.67 -3.74
O3' 5GP D . -26.66 -7.22 -4.15
C2' 5GP D . -24.83 -8.73 -4.62
O2' 5GP D . -25.82 -9.66 -4.98
C1' 5GP D . -24.23 -7.99 -5.75
N9 5GP D . -23.12 -8.69 -6.34
C8 5GP D . -22.02 -8.94 -5.69
N7 5GP D . -21.16 -9.59 -6.47
C5 5GP D . -21.71 -9.77 -7.62
C6 5GP D . -21.31 -10.40 -8.83
O6 5GP D . -20.22 -10.91 -8.94
N1 5GP D . -22.10 -10.39 -9.82
C2 5GP D . -23.27 -9.82 -9.70
N2 5GP D . -24.04 -9.86 -10.78
N3 5GP D . -23.73 -9.24 -8.60
C4 5GP D . -22.99 -9.16 -7.54
H5'1 5GP D . -24.04 -6.58 -1.83
H5'2 5GP D . -22.96 -5.60 -2.78
H4' 5GP D . -25.00 -5.62 -4.01
H3' 5GP D . -25.44 -8.00 -2.70
HO3' 5GP D . -27.23 -7.99 -4.34
H2' 5GP D . -24.03 -9.23 -4.08
H1' 5GP D . -24.98 -7.73 -6.50
H8 5GP D . -21.83 -8.66 -4.68
HN1 5GP D . -21.83 -10.83 -10.71
HN21 5GP D . -24.96 -9.45 -10.75
HN22 5GP D . -23.71 -10.31 -11.61
P 5GP E . -32.12 -13.64 -10.05
O1P 5GP E . -32.94 -12.38 -9.98
O2P 5GP E . -31.57 -13.96 -11.42
O3P 5GP E . -32.72 -14.80 -9.31
O5' 5GP E . -30.81 -13.29 -9.16
C5' 5GP E . -29.80 -12.35 -9.54
C4' 5GP E . -29.34 -11.64 -8.27
O4' 5GP E . -28.15 -12.27 -7.84
C3' 5GP E . -28.96 -10.18 -8.44
O3' 5GP E . -29.92 -9.29 -7.86
C2' 5GP E . -27.70 -9.99 -7.65
O2' 5GP E . -28.15 -9.30 -6.48
C1' 5GP E . -27.23 -11.36 -7.25
N9 5GP E . -25.90 -11.93 -7.59
C8 5GP E . -25.60 -12.58 -8.70
N7 5GP E . -24.33 -13.04 -8.65
C5 5GP E . -23.85 -12.72 -7.47
C6 5GP E . -22.59 -12.93 -6.79
O6 5GP E . -21.66 -13.53 -7.30
N1 5GP E . -22.47 -12.44 -5.59
C2 5GP E . -23.45 -11.80 -5.01
N2 5GP E . -23.22 -11.36 -3.79
N3 5GP E . -24.64 -11.56 -5.55
C4 5GP E . -24.88 -12.00 -6.78
H5'1 5GP E . -28.97 -12.86 -10.01
H5'2 5GP E . -30.21 -11.63 -10.24
H4' 5GP E . -30.11 -11.74 -7.50
H3' 5GP E . -28.78 -9.94 -9.49
HO3' 5GP E . -29.92 -8.45 -8.34
H2' 5GP E . -26.94 -9.44 -8.22
HO2' 5GP E . -28.21 -8.35 -6.67
H1' 5GP E . -27.35 -11.42 -6.15
H8 5GP E . -26.26 -12.69 -9.54
HN1 5GP E . -21.57 -12.57 -5.09
HN22 5GP E . -22.32 -11.52 -3.36
P 5GP F . -0.09 -15.34 18.48
O1P 5GP F . 0.17 -16.49 17.55
O2P 5GP F . -1.48 -15.14 19.02
O3P 5GP F . 0.35 -14.03 17.85
O5' 5GP F . 0.94 -15.38 19.67
C5' 5GP F . 2.14 -16.12 19.59
C4' 5GP F . 2.79 -16.25 20.94
O4' 5GP F . 3.27 -14.94 21.37
C3' 5GP F . 1.82 -16.70 22.05
O3' 5GP F . 2.54 -17.40 23.06
C2' 5GP F . 1.31 -15.37 22.58
O2' 5GP F . 0.78 -15.42 23.89
C1' 5GP F . 2.56 -14.51 22.50
N9 5GP F . 2.25 -13.08 22.37
C8 5GP F . 1.59 -12.48 21.39
N7 5GP F . 1.47 -11.16 21.70
C5 5GP F . 2.04 -10.95 22.90
C6 5GP F . 2.23 -9.84 23.72
O6 5GP F . 1.80 -8.71 23.36
N1 5GP F . 2.85 -9.99 24.89
C2 5GP F . 3.32 -11.19 25.27
N2 5GP F . 3.96 -11.34 26.46
N3 5GP F . 3.15 -12.27 24.50
C4 5GP F . 2.52 -12.17 23.32
H5'1 5GP F . 1.94 -17.12 19.19
H5'2 5GP F . 2.84 -15.62 18.91
H4' 5GP F . 3.62 -16.97 20.89
H3' 5GP F . 1.01 -17.30 21.63
HO3' 5GP F . 1.94 -17.62 23.79
H2' 5GP F . 0.56 -14.97 21.89
HO2' 5GP F . 0.55 -14.53 24.18
H1' 5GP F . 3.17 -14.68 23.41
H8 5GP F . 1.22 -12.95 20.49
HN1 5GP F . 3.01 -9.16 25.50
HN21 5GP F . 4.29 -12.24 26.74
HN22 5GP F . 4.09 -10.53 27.06
#